data_1DMR
#
_entry.id   1DMR
#
_cell.length_a   80.880
_cell.length_b   80.880
_cell.length_c   229.700
_cell.angle_alpha   90.00
_cell.angle_beta   90.00
_cell.angle_gamma   90.00
#
_symmetry.space_group_name_H-M   'P 41 21 2'
#
loop_
_entity.id
_entity.type
_entity.pdbx_description
1 polymer 'DMSO REDUCTASE'
2 non-polymer '2-AMINO-5,6-DIMERCAPTO-7-METHYL-3,7,8A,9-TETRAHYDRO-8-OXA-1,3,9,10-TETRAAZA-ANTHRACEN-4-ONE GUANOSINE DINUCLEOTIDE'
3 non-polymer 'MOLYBDENUM(VI) ION'
4 non-polymer 'OXYGEN ATOM'
5 water water
#
_entity_poly.entity_id   1
_entity_poly.type   'polypeptide(L)'
_entity_poly.pdbx_seq_one_letter_code
;MTKFSGNELRAELYRRAFLSYSVAPGALGMFGRSLLAKGARAEALANGTVMSGSHWGVFTATVENGRATAFTPWEKDPHP
SPMLAGVLDSIYSPTRIKYPMVRREFLEKGVNADRSTRGNGDFVRVSWDQALDLVAAEVKRVEETYGPEGVFGGSYGWKS
PGRLHNCTTLLRRMLTLAGGYVNGAGDYSTGAAQVIMPHVVGTLEVYEQQTAWPVLAENTEVMVFWAADPIKTSQIGWVI
PEHGAYPGLEALKAKGTKVIVIDPVRTKTVEFFGAEHITPKPQTDVAIMLGMAHTLVAEDLYDKDFIANYTSGFDKFLPY
LDGETDSTPKTAEWAEGISGVPAETIKELARLFESKRTMLAAGWSMQRMHHGEQAHWMLVTLASMLGQIGLPGGGFGLSY
HYSGGGTPSTSGPALAGITDGGAATKGPEWLAASGASVIPVARVVDMLENPGAEFDFNGTRSKFPDVKMAYWVGGNPFVH
HQDRNRMVKAWEKLETFVVHDFQWTPTARHADIVLPATTSYERNDIETIGDYSNTGILAMKKIVEPLYEARSDYDIFAAV
AERLGKGAEFTEGKDEMGWIKSFYDDAAKQGKAAGVQMPAFDAFWAEGIVEFPVTDGADFVRYASFREDPLLNPLGTPTG
LIEIYSKNIEKMGYDDCPAHPTWMEPLERLDGPGAKYPLHIAASHPFNRLHSQLNGTVLREGYAVQGHEPCLMHPDDAAA
RGIADGDVVRVHNDRGQILTGVKVTDAVMKGVIQIYEGGWYDPSDVTEPGTLDKYGDVNVLSADIGTSKLAQGNCGQTVL
AEVEKYTGPAVTLTGFVAPKAAE
;
_entity_poly.pdbx_strand_id   A
#
loop_
_chem_comp.id
_chem_comp.type
_chem_comp.name
_chem_comp.formula
6MO non-polymer 'MOLYBDENUM(VI) ION' 'Mo 6'
O non-polymer 'OXYGEN ATOM' O
PGD non-polymer '2-AMINO-5,6-DIMERCAPTO-7-METHYL-3,7,8A,9-TETRAHYDRO-8-OXA-1,3,9,10-TETRAAZA-ANTHRACEN-4-ONE GUANOSINE DINUCLEOTIDE' 'C20 H24 N10 O13 P2 S2'
#
# COMPACT_ATOMS: atom_id res chain seq x y z
N LEU A 45 -13.34 -37.19 10.95
CA LEU A 45 -12.68 -35.85 10.94
C LEU A 45 -11.17 -35.98 10.79
N ALA A 46 -10.59 -35.11 9.98
CA ALA A 46 -9.18 -35.17 9.66
C ALA A 46 -8.24 -34.77 10.77
N ASN A 47 -7.12 -35.47 10.85
CA ASN A 47 -6.01 -35.20 11.74
C ASN A 47 -4.71 -35.25 10.93
N GLY A 48 -3.89 -34.22 11.00
CA GLY A 48 -2.63 -34.27 10.23
C GLY A 48 -2.04 -32.88 10.07
N THR A 49 -1.09 -32.76 9.14
CA THR A 49 -0.42 -31.48 8.92
C THR A 49 -0.47 -31.15 7.44
N VAL A 50 -0.54 -29.86 7.12
CA VAL A 50 -0.64 -29.41 5.74
C VAL A 50 0.20 -28.12 5.59
N MET A 51 0.96 -28.01 4.52
CA MET A 51 1.74 -26.79 4.29
C MET A 51 1.01 -25.84 3.34
N SER A 52 1.01 -24.55 3.63
CA SER A 52 0.42 -23.55 2.76
C SER A 52 1.16 -22.23 2.94
N GLY A 53 0.61 -21.12 2.44
CA GLY A 53 1.30 -19.84 2.53
C GLY A 53 0.30 -18.68 2.58
N SER A 54 0.84 -17.48 2.73
CA SER A 54 -0.01 -16.29 2.89
C SER A 54 0.84 -15.06 2.64
N HIS A 55 0.29 -13.87 2.79
CA HIS A 55 1.05 -12.65 2.70
C HIS A 55 2.11 -12.56 3.80
N TRP A 56 2.02 -13.34 4.87
CA TRP A 56 2.96 -13.32 5.97
C TRP A 56 4.06 -14.37 5.92
N GLY A 57 3.99 -15.31 4.97
CA GLY A 57 5.00 -16.33 4.83
C GLY A 57 4.41 -17.73 4.62
N VAL A 58 5.32 -18.69 4.51
CA VAL A 58 5.01 -20.11 4.37
C VAL A 58 4.88 -20.74 5.76
N PHE A 59 3.95 -21.66 5.97
CA PHE A 59 3.77 -22.30 7.26
C PHE A 59 3.18 -23.71 7.13
N THR A 60 3.20 -24.44 8.24
CA THR A 60 2.60 -25.77 8.29
C THR A 60 1.45 -25.69 9.30
N ALA A 61 0.27 -26.14 8.88
CA ALA A 61 -0.85 -26.09 9.82
C ALA A 61 -1.01 -27.46 10.48
N THR A 62 -1.35 -27.46 11.76
CA THR A 62 -1.67 -28.70 12.46
C THR A 62 -3.20 -28.77 12.41
N VAL A 63 -3.79 -29.91 12.04
CA VAL A 63 -5.24 -30.00 11.95
C VAL A 63 -5.69 -31.10 12.92
N GLU A 64 -6.64 -30.82 13.78
CA GLU A 64 -7.12 -31.80 14.75
C GLU A 64 -8.63 -31.88 14.67
N ASN A 65 -9.16 -33.04 14.29
CA ASN A 65 -10.60 -33.21 14.14
C ASN A 65 -11.21 -32.17 13.21
N GLY A 66 -10.54 -31.90 12.08
CA GLY A 66 -11.05 -30.99 11.08
C GLY A 66 -10.90 -29.51 11.40
N ARG A 67 -10.21 -29.16 12.48
CA ARG A 67 -10.02 -27.75 12.82
C ARG A 67 -8.55 -27.41 12.79
N ALA A 68 -8.17 -26.25 12.25
CA ALA A 68 -6.76 -25.86 12.28
C ALA A 68 -6.46 -25.37 13.70
N THR A 69 -5.42 -25.90 14.34
CA THR A 69 -5.14 -25.53 15.73
C THR A 69 -3.82 -24.80 15.95
N ALA A 70 -2.95 -24.76 14.94
CA ALA A 70 -1.70 -24.04 15.06
C ALA A 70 -1.09 -23.85 13.67
N PHE A 71 -0.39 -22.74 13.47
CA PHE A 71 0.35 -22.47 12.24
C PHE A 71 1.83 -22.35 12.66
N THR A 72 2.69 -23.23 12.16
CA THR A 72 4.10 -23.18 12.54
C THR A 72 4.91 -22.68 11.35
N PRO A 73 5.81 -21.73 11.55
CA PRO A 73 6.60 -21.18 10.46
C PRO A 73 7.42 -22.24 9.75
N TRP A 74 7.62 -22.02 8.46
CA TRP A 74 8.43 -22.84 7.59
C TRP A 74 9.83 -22.90 8.20
N GLU A 75 10.44 -24.10 8.24
CA GLU A 75 11.77 -24.21 8.84
C GLU A 75 12.81 -23.39 8.09
N LYS A 76 12.65 -23.10 6.81
CA LYS A 76 13.62 -22.32 6.05
C LYS A 76 13.36 -20.81 6.06
N ASP A 77 12.35 -20.34 6.78
CA ASP A 77 12.08 -18.90 6.83
C ASP A 77 13.08 -18.28 7.81
N PRO A 78 13.91 -17.35 7.36
CA PRO A 78 14.92 -16.74 8.21
C PRO A 78 14.39 -15.82 9.29
N HIS A 79 13.14 -15.34 9.15
CA HIS A 79 12.56 -14.45 10.14
C HIS A 79 11.05 -14.41 10.05
N PRO A 80 10.37 -15.39 10.63
CA PRO A 80 8.92 -15.46 10.65
C PRO A 80 8.26 -14.24 11.28
N SER A 81 7.03 -13.97 10.85
CA SER A 81 6.29 -12.84 11.43
C SER A 81 5.50 -13.32 12.62
N PRO A 82 5.51 -12.57 13.72
CA PRO A 82 4.70 -12.84 14.89
C PRO A 82 3.21 -12.77 14.62
N MET A 83 2.78 -12.19 13.51
CA MET A 83 1.38 -12.12 13.11
C MET A 83 0.79 -13.44 12.64
N LEU A 84 1.58 -14.48 12.38
CA LEU A 84 1.03 -15.75 11.93
C LEU A 84 -0.10 -16.29 12.80
N ALA A 85 -0.01 -16.16 14.12
CA ALA A 85 -1.05 -16.62 15.03
C ALA A 85 -2.41 -15.97 14.73
N GLY A 86 -2.39 -14.69 14.36
CA GLY A 86 -3.60 -13.95 14.04
C GLY A 86 -4.22 -14.43 12.72
N VAL A 87 -3.38 -14.89 11.78
CA VAL A 87 -3.89 -15.40 10.50
C VAL A 87 -4.78 -16.61 10.76
N LEU A 88 -4.31 -17.52 11.61
CA LEU A 88 -5.11 -18.69 11.99
C LEU A 88 -6.41 -18.25 12.66
N ASP A 89 -6.28 -17.33 13.62
CA ASP A 89 -7.46 -16.85 14.33
C ASP A 89 -8.48 -16.19 13.42
N SER A 90 -8.07 -15.53 12.34
CA SER A 90 -8.99 -14.88 11.41
C SER A 90 -9.94 -15.83 10.71
N ILE A 91 -9.61 -17.13 10.66
CA ILE A 91 -10.50 -18.13 10.09
C ILE A 91 -11.74 -18.30 10.95
N TYR A 92 -11.60 -18.22 12.26
CA TYR A 92 -12.65 -18.53 13.22
C TYR A 92 -13.12 -17.40 14.13
N SER A 93 -12.55 -16.21 14.05
CA SER A 93 -12.90 -15.17 15.01
C SER A 93 -14.35 -14.78 14.94
N PRO A 94 -14.82 -14.03 15.94
CA PRO A 94 -16.21 -13.63 16.04
C PRO A 94 -16.69 -12.80 14.86
N THR A 95 -15.78 -12.11 14.14
CA THR A 95 -16.20 -11.31 13.00
C THR A 95 -16.14 -12.06 11.68
N ARG A 96 -15.98 -13.38 11.71
CA ARG A 96 -16.04 -14.17 10.47
C ARG A 96 -17.46 -14.04 9.93
N ILE A 97 -17.63 -13.79 8.65
CA ILE A 97 -18.94 -13.66 8.03
C ILE A 97 -19.51 -15.05 7.71
N LYS A 98 -20.66 -15.37 8.32
CA LYS A 98 -21.24 -16.69 8.15
C LYS A 98 -22.08 -16.90 6.92
N TYR A 99 -23.00 -15.97 6.64
CA TYR A 99 -24.02 -16.11 5.60
C TYR A 99 -24.19 -14.90 4.71
N PRO A 100 -24.76 -15.07 3.52
CA PRO A 100 -25.07 -13.98 2.62
C PRO A 100 -26.15 -13.11 3.26
N MET A 101 -25.96 -11.80 3.22
CA MET A 101 -26.90 -10.89 3.85
C MET A 101 -27.23 -9.73 2.90
N VAL A 102 -28.44 -9.21 3.06
CA VAL A 102 -28.86 -8.04 2.29
C VAL A 102 -29.36 -7.00 3.29
N ARG A 103 -28.96 -5.75 3.09
CA ARG A 103 -29.39 -4.65 3.94
C ARG A 103 -30.91 -4.54 3.87
N ARG A 104 -31.58 -4.50 5.00
CA ARG A 104 -33.05 -4.46 5.02
C ARG A 104 -33.66 -3.37 4.15
N GLU A 105 -33.20 -2.14 4.27
CA GLU A 105 -33.70 -1.04 3.45
C GLU A 105 -33.55 -1.31 1.96
N PHE A 106 -32.41 -1.89 1.56
CA PHE A 106 -32.18 -2.20 0.15
C PHE A 106 -33.10 -3.31 -0.33
N LEU A 107 -33.29 -4.31 0.52
CA LEU A 107 -34.18 -5.44 0.21
C LEU A 107 -35.60 -4.93 -0.04
N GLU A 108 -36.06 -4.02 0.80
CA GLU A 108 -37.40 -3.48 0.72
C GLU A 108 -37.61 -2.39 -0.31
N LYS A 109 -36.65 -1.47 -0.52
CA LYS A 109 -36.86 -0.35 -1.43
C LYS A 109 -35.94 -0.24 -2.63
N GLY A 110 -34.91 -1.08 -2.76
CA GLY A 110 -34.02 -1.01 -3.90
C GLY A 110 -33.36 0.36 -4.06
N VAL A 111 -33.48 0.97 -5.24
CA VAL A 111 -32.87 2.26 -5.52
C VAL A 111 -33.49 3.40 -4.73
N ASN A 112 -34.69 3.21 -4.19
CA ASN A 112 -35.38 4.20 -3.37
C ASN A 112 -35.04 4.10 -1.90
N ALA A 113 -34.12 3.22 -1.51
CA ALA A 113 -33.74 3.05 -0.12
C ALA A 113 -33.13 4.31 0.47
N ASP A 114 -33.26 4.46 1.78
CA ASP A 114 -32.63 5.56 2.51
C ASP A 114 -31.15 5.15 2.60
N ARG A 115 -30.27 5.87 1.93
CA ARG A 115 -28.87 5.45 1.89
C ARG A 115 -28.01 5.96 3.02
N SER A 116 -28.55 6.82 3.88
CA SER A 116 -27.81 7.34 5.02
C SER A 116 -27.65 6.32 6.13
N THR A 117 -28.44 5.23 6.12
CA THR A 117 -28.35 4.22 7.16
C THR A 117 -27.37 3.11 6.80
N ARG A 118 -26.67 3.17 5.66
CA ARG A 118 -25.69 2.09 5.41
C ARG A 118 -24.70 2.04 6.58
N GLY A 119 -24.39 0.86 7.10
CA GLY A 119 -23.43 0.73 8.17
C GLY A 119 -24.04 0.54 9.56
N ASN A 120 -25.35 0.71 9.70
CA ASN A 120 -26.01 0.54 10.98
C ASN A 120 -26.22 -0.93 11.36
N GLY A 121 -25.92 -1.88 10.48
CA GLY A 121 -26.02 -3.27 10.83
C GLY A 121 -27.39 -3.92 10.69
N ASP A 122 -28.34 -3.22 10.09
CA ASP A 122 -29.68 -3.79 9.92
C ASP A 122 -29.75 -4.65 8.66
N PHE A 123 -29.27 -5.88 8.77
CA PHE A 123 -29.22 -6.83 7.67
C PHE A 123 -30.23 -7.97 7.78
N VAL A 124 -30.55 -8.56 6.65
CA VAL A 124 -31.45 -9.71 6.59
C VAL A 124 -30.68 -10.90 6.02
N ARG A 125 -30.75 -12.07 6.63
CA ARG A 125 -30.06 -13.23 6.08
C ARG A 125 -30.88 -13.77 4.91
N VAL A 126 -30.24 -14.09 3.79
CA VAL A 126 -30.95 -14.61 2.64
C VAL A 126 -30.26 -15.89 2.18
N SER A 127 -30.92 -16.65 1.29
CA SER A 127 -30.29 -17.86 0.77
C SER A 127 -29.29 -17.48 -0.32
N TRP A 128 -28.34 -18.35 -0.62
CA TRP A 128 -27.38 -18.04 -1.68
C TRP A 128 -28.07 -17.80 -3.01
N ASP A 129 -29.07 -18.63 -3.34
CA ASP A 129 -29.75 -18.48 -4.63
C ASP A 129 -30.44 -17.12 -4.73
N GLN A 130 -31.04 -16.63 -3.66
CA GLN A 130 -31.66 -15.32 -3.63
C GLN A 130 -30.61 -14.23 -3.84
N ALA A 131 -29.50 -14.34 -3.10
CA ALA A 131 -28.45 -13.34 -3.20
C ALA A 131 -27.84 -13.27 -4.59
N LEU A 132 -27.54 -14.42 -5.20
CA LEU A 132 -26.94 -14.46 -6.53
C LEU A 132 -27.87 -13.92 -7.58
N ASP A 133 -29.17 -14.23 -7.50
CA ASP A 133 -30.13 -13.68 -8.45
C ASP A 133 -30.15 -12.15 -8.36
N LEU A 134 -30.14 -11.63 -7.13
CA LEU A 134 -30.15 -10.18 -6.92
C LEU A 134 -28.89 -9.50 -7.42
N VAL A 135 -27.72 -10.06 -7.12
CA VAL A 135 -26.48 -9.44 -7.61
C VAL A 135 -26.44 -9.44 -9.13
N ALA A 136 -26.78 -10.59 -9.75
CA ALA A 136 -26.81 -10.62 -11.21
C ALA A 136 -27.80 -9.63 -11.80
N ALA A 137 -28.99 -9.51 -11.23
CA ALA A 137 -29.99 -8.57 -11.75
C ALA A 137 -29.52 -7.12 -11.66
N GLU A 138 -28.87 -6.79 -10.56
CA GLU A 138 -28.37 -5.44 -10.34
C GLU A 138 -27.21 -5.11 -11.27
N VAL A 139 -26.29 -6.04 -11.47
CA VAL A 139 -25.19 -5.81 -12.41
C VAL A 139 -25.78 -5.55 -13.80
N LYS A 140 -26.72 -6.41 -14.21
CA LYS A 140 -27.33 -6.22 -15.53
C LYS A 140 -28.13 -4.94 -15.64
N ARG A 141 -28.92 -4.58 -14.63
CA ARG A 141 -29.70 -3.34 -14.65
C ARG A 141 -28.82 -2.11 -14.85
N VAL A 142 -27.75 -2.04 -14.06
CA VAL A 142 -26.82 -0.91 -14.14
C VAL A 142 -26.11 -0.87 -15.49
N GLU A 143 -25.65 -2.02 -16.01
CA GLU A 143 -25.03 -2.02 -17.32
C GLU A 143 -25.99 -1.59 -18.43
N GLU A 144 -27.24 -2.03 -18.37
CA GLU A 144 -28.20 -1.65 -19.42
C GLU A 144 -28.65 -0.20 -19.29
N THR A 145 -28.88 0.25 -18.06
CA THR A 145 -29.37 1.60 -17.86
C THR A 145 -28.31 2.68 -18.04
N TYR A 146 -27.13 2.45 -17.47
CA TYR A 146 -26.08 3.46 -17.49
C TYR A 146 -24.85 3.13 -18.33
N GLY A 147 -24.71 1.93 -18.83
CA GLY A 147 -23.51 1.60 -19.63
C GLY A 147 -22.40 1.17 -18.67
N PRO A 148 -21.25 0.81 -19.24
CA PRO A 148 -20.08 0.40 -18.47
C PRO A 148 -19.54 1.51 -17.59
N GLU A 149 -19.79 2.76 -17.95
CA GLU A 149 -19.38 3.91 -17.15
C GLU A 149 -20.13 3.97 -15.82
N GLY A 150 -21.23 3.23 -15.65
CA GLY A 150 -21.97 3.20 -14.42
C GLY A 150 -21.44 2.24 -13.36
N VAL A 151 -20.52 1.35 -13.70
CA VAL A 151 -20.01 0.37 -12.74
C VAL A 151 -18.55 0.60 -12.38
N PHE A 152 -18.25 0.83 -11.10
CA PHE A 152 -16.86 0.99 -10.68
C PHE A 152 -16.33 -0.38 -10.25
N GLY A 153 -15.33 -0.89 -10.96
CA GLY A 153 -14.74 -2.19 -10.66
C GLY A 153 -13.26 -2.13 -10.33
N GLY A 154 -12.77 -0.98 -9.90
CA GLY A 154 -11.36 -0.82 -9.51
C GLY A 154 -11.06 -1.74 -8.32
N SER A 155 -11.96 -1.77 -7.36
CA SER A 155 -11.85 -2.66 -6.19
C SER A 155 -10.44 -2.77 -5.65
N TYR A 156 -9.81 -1.65 -5.33
CA TYR A 156 -8.45 -1.68 -4.80
C TYR A 156 -8.34 -2.51 -3.52
N GLY A 157 -7.26 -3.32 -3.43
CA GLY A 157 -7.11 -4.06 -2.16
C GLY A 157 -6.02 -5.11 -2.19
N TRP A 158 -5.54 -5.44 -0.98
CA TRP A 158 -4.47 -6.40 -0.80
C TRP A 158 -4.90 -7.84 -0.83
N LYS A 159 -6.18 -8.17 -0.69
CA LYS A 159 -6.68 -9.53 -0.85
C LYS A 159 -5.77 -10.58 -0.25
N SER A 160 -5.55 -11.69 -0.92
CA SER A 160 -4.66 -12.76 -0.46
C SER A 160 -3.87 -13.21 -1.68
N PRO A 161 -2.71 -13.79 -1.53
CA PRO A 161 -1.93 -14.28 -2.67
C PRO A 161 -2.61 -15.49 -3.30
N GLY A 162 -2.15 -15.86 -4.50
CA GLY A 162 -2.75 -17.02 -5.18
C GLY A 162 -3.00 -16.63 -6.65
N ARG A 163 -2.60 -17.51 -7.57
CA ARG A 163 -2.77 -17.25 -8.99
C ARG A 163 -4.18 -17.57 -9.48
N LEU A 164 -4.88 -18.50 -8.86
CA LEU A 164 -6.24 -18.78 -9.29
C LEU A 164 -7.26 -17.97 -8.49
N HIS A 165 -7.19 -18.00 -7.16
CA HIS A 165 -8.17 -17.30 -6.33
C HIS A 165 -7.80 -15.84 -6.10
N ASN A 166 -7.67 -15.10 -7.17
CA ASN A 166 -7.32 -13.69 -7.22
C ASN A 166 -8.61 -12.92 -7.36
N CYS A 167 -9.23 -12.57 -6.21
CA CYS A 167 -10.58 -12.04 -6.25
C CYS A 167 -10.79 -10.79 -7.08
N THR A 168 -9.85 -9.87 -7.12
CA THR A 168 -10.05 -8.64 -7.89
C THR A 168 -9.95 -8.87 -9.38
N THR A 169 -9.07 -9.79 -9.78
CA THR A 169 -9.00 -10.15 -11.20
C THR A 169 -10.25 -10.94 -11.58
N LEU A 170 -10.75 -11.80 -10.70
CA LEU A 170 -12.00 -12.55 -11.00
C LEU A 170 -13.20 -11.62 -11.12
N LEU A 171 -13.21 -10.57 -10.29
CA LEU A 171 -14.28 -9.57 -10.37
C LEU A 171 -14.27 -8.93 -11.75
N ARG A 172 -13.09 -8.47 -12.20
CA ARG A 172 -13.00 -7.83 -13.52
C ARG A 172 -13.26 -8.80 -14.66
N ARG A 173 -12.97 -10.08 -14.46
CA ARG A 173 -13.29 -11.09 -15.47
C ARG A 173 -14.82 -11.15 -15.63
N MET A 174 -15.57 -11.15 -14.54
CA MET A 174 -17.02 -11.17 -14.62
C MET A 174 -17.59 -9.87 -15.20
N LEU A 175 -17.08 -8.73 -14.73
CA LEU A 175 -17.60 -7.45 -15.21
C LEU A 175 -17.31 -7.26 -16.70
N THR A 176 -16.21 -7.80 -17.19
CA THR A 176 -15.93 -7.73 -18.64
C THR A 176 -17.08 -8.43 -19.38
N LEU A 177 -17.48 -9.60 -18.89
CA LEU A 177 -18.57 -10.35 -19.51
C LEU A 177 -19.92 -9.65 -19.40
N ALA A 178 -20.12 -8.86 -18.34
CA ALA A 178 -21.33 -8.11 -18.14
C ALA A 178 -21.43 -6.85 -18.99
N GLY A 179 -20.35 -6.40 -19.62
CA GLY A 179 -20.43 -5.21 -20.48
C GLY A 179 -19.33 -4.19 -20.25
N GLY A 180 -18.56 -4.34 -19.16
CA GLY A 180 -17.49 -3.37 -18.92
C GLY A 180 -17.61 -2.70 -17.56
N TYR A 181 -16.59 -1.87 -17.26
CA TYR A 181 -16.50 -1.23 -15.96
C TYR A 181 -15.44 -0.13 -15.99
N VAL A 182 -15.50 0.72 -14.98
CA VAL A 182 -14.51 1.76 -14.77
C VAL A 182 -13.42 1.18 -13.84
N ASN A 183 -12.16 1.34 -14.20
CA ASN A 183 -11.08 0.76 -13.37
C ASN A 183 -10.31 1.84 -12.64
N GLY A 184 -9.36 1.43 -11.81
CA GLY A 184 -8.51 2.41 -11.11
C GLY A 184 -7.07 2.25 -11.60
N ALA A 185 -6.27 3.29 -11.53
CA ALA A 185 -4.89 3.21 -11.97
C ALA A 185 -3.94 3.63 -10.82
N GLY A 186 -2.78 3.01 -10.81
CA GLY A 186 -1.80 3.35 -9.75
C GLY A 186 -2.21 2.67 -8.46
N ASP A 187 -1.66 3.14 -7.35
CA ASP A 187 -1.95 2.53 -6.05
C ASP A 187 -1.78 3.54 -4.92
N TYR A 188 -2.11 3.15 -3.69
CA TYR A 188 -2.00 4.03 -2.54
C TYR A 188 -0.59 4.08 -1.94
N SER A 189 0.32 3.26 -2.42
CA SER A 189 1.67 3.13 -1.90
C SER A 189 2.69 4.09 -2.47
N THR A 190 2.75 4.15 -3.78
CA THR A 190 3.73 5.01 -4.45
C THR A 190 3.00 5.84 -5.50
N GLY A 191 1.79 6.28 -5.17
CA GLY A 191 0.95 7.04 -6.09
C GLY A 191 1.68 8.20 -6.75
N ALA A 192 2.50 8.93 -5.99
CA ALA A 192 3.25 10.04 -6.58
C ALA A 192 4.56 9.57 -7.19
N ALA A 193 5.35 8.78 -6.46
CA ALA A 193 6.65 8.37 -6.96
C ALA A 193 6.58 7.56 -8.25
N GLN A 194 5.58 6.69 -8.42
CA GLN A 194 5.55 5.88 -9.65
C GLN A 194 5.24 6.71 -10.89
N VAL A 195 4.70 7.92 -10.74
CA VAL A 195 4.42 8.78 -11.88
C VAL A 195 5.57 9.74 -12.14
N ILE A 196 6.23 10.27 -11.11
CA ILE A 196 7.38 11.17 -11.36
C ILE A 196 8.61 10.41 -11.81
N MET A 197 8.85 9.19 -11.32
CA MET A 197 10.07 8.47 -11.68
C MET A 197 10.26 8.21 -13.17
N PRO A 198 9.27 7.83 -13.95
CA PRO A 198 9.45 7.67 -15.39
C PRO A 198 9.93 8.94 -16.08
N HIS A 199 9.63 10.12 -15.56
CA HIS A 199 10.07 11.39 -16.13
C HIS A 199 11.50 11.74 -15.71
N VAL A 200 11.99 11.12 -14.65
CA VAL A 200 13.29 11.40 -14.07
C VAL A 200 14.37 10.39 -14.43
N VAL A 201 14.10 9.10 -14.19
CA VAL A 201 15.00 8.03 -14.52
C VAL A 201 14.49 7.12 -15.64
N GLY A 202 13.27 7.33 -16.14
CA GLY A 202 12.81 6.57 -17.28
C GLY A 202 11.93 5.37 -17.05
N THR A 203 11.94 4.77 -15.86
CA THR A 203 11.12 3.62 -15.51
C THR A 203 10.41 3.91 -14.19
N LEU A 204 9.54 3.01 -13.75
CA LEU A 204 8.79 3.13 -12.51
C LEU A 204 9.68 3.24 -11.28
N GLU A 205 10.74 2.45 -11.26
CA GLU A 205 11.79 2.45 -10.25
C GLU A 205 11.42 1.86 -8.90
N VAL A 206 10.25 2.18 -8.37
CA VAL A 206 9.83 1.71 -7.06
C VAL A 206 9.59 0.21 -7.00
N TYR A 207 9.20 -0.45 -8.08
CA TYR A 207 8.92 -1.88 -8.01
C TYR A 207 9.89 -2.69 -8.86
N GLU A 208 11.16 -2.29 -8.82
CA GLU A 208 12.21 -2.92 -9.62
C GLU A 208 13.30 -3.46 -8.71
N GLN A 209 14.01 -4.50 -9.15
CA GLN A 209 15.00 -5.14 -8.29
C GLN A 209 16.10 -4.15 -7.88
N GLN A 210 16.54 -4.27 -6.63
CA GLN A 210 17.56 -3.39 -6.09
C GLN A 210 18.97 -3.98 -6.18
N THR A 211 20.00 -3.17 -6.00
CA THR A 211 21.36 -3.74 -5.87
C THR A 211 21.30 -4.82 -4.80
N ALA A 212 21.83 -6.00 -5.08
CA ALA A 212 21.73 -7.12 -4.13
C ALA A 212 22.28 -6.86 -2.75
N TRP A 213 21.65 -7.47 -1.73
CA TRP A 213 22.09 -7.33 -0.35
C TRP A 213 23.55 -7.69 -0.13
N PRO A 214 24.05 -8.79 -0.67
CA PRO A 214 25.46 -9.17 -0.51
C PRO A 214 26.41 -8.11 -1.08
N VAL A 215 26.03 -7.41 -2.14
CA VAL A 215 26.85 -6.35 -2.71
C VAL A 215 26.94 -5.21 -1.72
N LEU A 216 25.84 -4.89 -1.03
CA LEU A 216 25.88 -3.85 -0.01
C LEU A 216 26.81 -4.26 1.13
N ALA A 217 26.72 -5.49 1.60
CA ALA A 217 27.57 -5.93 2.72
C ALA A 217 29.06 -5.80 2.42
N GLU A 218 29.46 -6.09 1.19
CA GLU A 218 30.87 -6.01 0.84
C GLU A 218 31.34 -4.63 0.45
N ASN A 219 30.45 -3.71 0.07
CA ASN A 219 30.89 -2.42 -0.45
C ASN A 219 30.38 -1.15 0.20
N THR A 220 29.20 -1.19 0.80
CA THR A 220 28.64 0.04 1.39
C THR A 220 29.35 0.39 2.68
N GLU A 221 29.63 1.66 2.88
CA GLU A 221 30.24 2.18 4.08
C GLU A 221 29.23 2.92 4.95
N VAL A 222 28.26 3.58 4.33
CA VAL A 222 27.25 4.34 5.06
C VAL A 222 25.87 3.95 4.51
N MET A 223 25.00 3.39 5.33
CA MET A 223 23.67 2.98 4.85
C MET A 223 22.63 3.92 5.45
N VAL A 224 21.85 4.61 4.62
CA VAL A 224 20.86 5.54 5.13
C VAL A 224 19.45 5.03 4.92
N PHE A 225 18.67 4.90 5.99
CA PHE A 225 17.26 4.52 5.80
C PHE A 225 16.48 5.82 5.92
N TRP A 226 16.02 6.35 4.79
CA TRP A 226 15.32 7.64 4.79
C TRP A 226 13.82 7.44 4.70
N ALA A 227 13.08 7.67 5.78
CA ALA A 227 11.63 7.45 5.79
C ALA A 227 11.32 5.97 5.53
N ALA A 228 12.12 5.08 6.06
CA ALA A 228 11.93 3.64 5.83
C ALA A 228 12.18 2.88 7.12
N ASP A 229 11.34 1.90 7.42
CA ASP A 229 11.52 1.08 8.62
C ASP A 229 11.45 -0.36 8.15
N PRO A 230 12.54 -0.87 7.56
CA PRO A 230 12.55 -2.19 6.94
C PRO A 230 12.25 -3.32 7.90
N ILE A 231 12.63 -3.21 9.17
CA ILE A 231 12.30 -4.28 10.11
C ILE A 231 10.80 -4.43 10.25
N LYS A 232 10.05 -3.32 10.31
CA LYS A 232 8.60 -3.38 10.39
C LYS A 232 7.94 -3.85 9.09
N THR A 233 8.29 -3.18 7.99
CA THR A 233 7.59 -3.42 6.72
C THR A 233 8.00 -4.62 5.91
N SER A 234 9.10 -5.30 6.24
CA SER A 234 9.53 -6.48 5.48
C SER A 234 8.84 -7.77 5.93
N GLN A 235 7.92 -7.73 6.87
CA GLN A 235 7.23 -8.92 7.37
C GLN A 235 6.31 -9.54 6.32
N ILE A 236 5.83 -8.72 5.39
CA ILE A 236 4.84 -9.23 4.44
C ILE A 236 5.34 -9.14 3.00
N GLY A 237 4.61 -9.82 2.11
CA GLY A 237 4.91 -9.77 0.68
C GLY A 237 3.60 -9.69 -0.10
N TRP A 238 3.67 -9.24 -1.34
CA TRP A 238 2.48 -9.20 -2.22
C TRP A 238 2.20 -10.65 -2.61
N VAL A 239 3.26 -11.32 -3.12
CA VAL A 239 3.17 -12.77 -3.30
C VAL A 239 3.75 -13.36 -2.00
N ILE A 240 3.95 -14.64 -1.79
CA ILE A 240 4.49 -15.11 -0.50
C ILE A 240 5.87 -14.51 -0.23
N PRO A 241 6.14 -13.94 0.93
CA PRO A 241 7.44 -13.36 1.23
C PRO A 241 8.49 -14.39 1.59
N GLU A 242 9.76 -14.10 1.28
CA GLU A 242 10.86 -14.98 1.70
C GLU A 242 11.59 -14.35 2.88
N HIS A 243 11.21 -13.15 3.29
CA HIS A 243 11.80 -12.40 4.40
C HIS A 243 13.30 -12.19 4.19
N GLY A 244 13.70 -11.95 2.94
CA GLY A 244 15.10 -11.82 2.55
C GLY A 244 15.83 -10.60 3.07
N ALA A 245 15.10 -9.57 3.50
CA ALA A 245 15.76 -8.39 4.05
C ALA A 245 16.45 -8.68 5.39
N TYR A 246 15.95 -9.61 6.20
CA TYR A 246 16.48 -9.85 7.53
C TYR A 246 17.91 -10.34 7.57
N PRO A 247 18.28 -11.36 6.79
CA PRO A 247 19.67 -11.77 6.68
C PRO A 247 20.50 -10.62 6.12
N GLY A 248 19.96 -9.86 5.16
CA GLY A 248 20.64 -8.69 4.60
C GLY A 248 20.98 -7.64 5.66
N LEU A 249 20.00 -7.29 6.51
CA LEU A 249 20.22 -6.34 7.57
C LEU A 249 21.21 -6.85 8.61
N GLU A 250 21.12 -8.13 8.95
CA GLU A 250 22.07 -8.74 9.89
C GLU A 250 23.50 -8.68 9.37
N ALA A 251 23.71 -8.92 8.08
CA ALA A 251 25.08 -8.83 7.54
C ALA A 251 25.64 -7.42 7.62
N LEU A 252 24.81 -6.40 7.41
CA LEU A 252 25.29 -5.02 7.53
C LEU A 252 25.76 -4.73 8.96
N LYS A 253 24.98 -5.19 9.94
CA LYS A 253 25.33 -4.99 11.33
C LYS A 253 26.62 -5.73 11.68
N ALA A 254 26.77 -6.96 11.19
CA ALA A 254 28.00 -7.72 11.51
C ALA A 254 29.24 -7.07 10.92
N LYS A 255 29.12 -6.42 9.78
CA LYS A 255 30.23 -5.72 9.13
C LYS A 255 30.59 -4.42 9.82
N GLY A 256 29.72 -3.85 10.65
CA GLY A 256 30.01 -2.60 11.33
C GLY A 256 29.80 -1.36 10.46
N THR A 257 29.01 -1.48 9.42
CA THR A 257 28.66 -0.36 8.53
C THR A 257 27.97 0.75 9.32
N LYS A 258 28.24 2.02 9.01
CA LYS A 258 27.58 3.10 9.73
C LYS A 258 26.14 3.21 9.24
N VAL A 259 25.16 3.20 10.14
CA VAL A 259 23.77 3.30 9.70
C VAL A 259 23.14 4.58 10.19
N ILE A 260 22.46 5.30 9.30
CA ILE A 260 21.76 6.53 9.69
C ILE A 260 20.28 6.34 9.37
N VAL A 261 19.42 6.69 10.32
CA VAL A 261 17.97 6.59 10.08
C VAL A 261 17.36 7.99 10.19
N ILE A 262 16.61 8.40 9.17
CA ILE A 262 15.96 9.72 9.16
C ILE A 262 14.45 9.45 9.22
N ASP A 263 13.90 9.65 10.41
CA ASP A 263 12.50 9.29 10.68
C ASP A 263 12.07 9.98 11.97
N PRO A 264 10.87 10.52 12.06
CA PRO A 264 10.35 11.14 13.27
C PRO A 264 10.15 10.20 14.45
N VAL A 265 10.18 8.90 14.22
CA VAL A 265 9.97 7.87 15.21
C VAL A 265 11.21 7.00 15.40
N ARG A 266 11.49 6.65 16.66
CA ARG A 266 12.59 5.75 16.99
C ARG A 266 12.10 4.32 16.75
N THR A 267 12.31 3.82 15.54
CA THR A 267 11.76 2.51 15.16
C THR A 267 12.64 1.34 15.57
N LYS A 268 12.19 0.12 15.29
CA LYS A 268 13.01 -1.05 15.54
C LYS A 268 14.22 -1.02 14.61
N THR A 269 14.11 -0.38 13.44
CA THR A 269 15.28 -0.27 12.58
C THR A 269 16.40 0.51 13.29
N VAL A 270 16.05 1.62 13.94
CA VAL A 270 17.00 2.40 14.72
C VAL A 270 17.60 1.53 15.83
N GLU A 271 16.74 0.85 16.59
CA GLU A 271 17.20 0.03 17.72
C GLU A 271 18.08 -1.13 17.33
N PHE A 272 17.80 -1.81 16.21
CA PHE A 272 18.60 -2.96 15.81
C PHE A 272 20.04 -2.58 15.48
N PHE A 273 20.25 -1.45 14.80
CA PHE A 273 21.58 -1.01 14.45
C PHE A 273 22.21 -0.07 15.46
N GLY A 274 21.47 0.44 16.43
CA GLY A 274 22.03 1.50 17.31
C GLY A 274 22.39 2.70 16.41
N ALA A 275 21.50 2.97 15.45
CA ALA A 275 21.77 3.94 14.42
C ALA A 275 21.76 5.38 14.89
N GLU A 276 22.50 6.20 14.13
CA GLU A 276 22.45 7.65 14.33
C GLU A 276 21.05 8.04 13.84
N HIS A 277 20.28 8.68 14.70
CA HIS A 277 18.89 8.99 14.43
C HIS A 277 18.59 10.47 14.27
N ILE A 278 18.15 10.82 13.07
CA ILE A 278 17.80 12.20 12.73
C ILE A 278 16.28 12.31 12.72
N THR A 279 15.70 13.28 13.41
CA THR A 279 14.23 13.38 13.47
C THR A 279 13.72 14.69 12.90
N PRO A 280 13.36 14.71 11.63
CA PRO A 280 12.85 15.91 10.99
C PRO A 280 11.38 16.11 11.32
N LYS A 281 10.89 17.35 11.34
CA LYS A 281 9.43 17.49 11.48
C LYS A 281 8.88 16.83 10.21
N PRO A 282 7.86 16.02 10.33
CA PRO A 282 7.29 15.35 9.16
C PRO A 282 6.91 16.34 8.09
N GLN A 283 7.14 15.98 6.84
CA GLN A 283 6.89 16.73 5.63
C GLN A 283 7.97 17.76 5.29
N THR A 284 9.13 17.74 5.95
CA THR A 284 10.17 18.71 5.64
C THR A 284 11.43 18.08 5.07
N ASP A 285 11.40 16.81 4.68
CA ASP A 285 12.59 16.15 4.13
C ASP A 285 13.15 16.85 2.89
N VAL A 286 12.29 17.38 2.02
CA VAL A 286 12.80 18.07 0.83
C VAL A 286 13.62 19.30 1.22
N ALA A 287 13.19 20.00 2.27
CA ALA A 287 13.99 21.16 2.73
C ALA A 287 15.37 20.68 3.18
N ILE A 288 15.45 19.59 3.94
CA ILE A 288 16.72 19.04 4.38
C ILE A 288 17.59 18.64 3.21
N MET A 289 17.01 17.99 2.19
CA MET A 289 17.80 17.60 1.03
C MET A 289 18.35 18.81 0.29
N LEU A 290 17.58 19.89 0.21
CA LEU A 290 18.04 21.11 -0.46
C LEU A 290 19.17 21.74 0.36
N GLY A 291 19.06 21.72 1.69
CA GLY A 291 20.18 22.26 2.49
C GLY A 291 21.45 21.45 2.28
N MET A 292 21.36 20.13 2.13
CA MET A 292 22.51 19.28 1.88
C MET A 292 23.12 19.61 0.53
N ALA A 293 22.28 19.72 -0.50
CA ALA A 293 22.72 20.06 -1.85
C ALA A 293 23.39 21.43 -1.89
N HIS A 294 22.81 22.40 -1.18
CA HIS A 294 23.38 23.75 -1.12
C HIS A 294 24.78 23.69 -0.51
N THR A 295 24.91 22.92 0.57
CA THR A 295 26.22 22.73 1.21
C THR A 295 27.23 22.14 0.25
N LEU A 296 26.83 21.12 -0.52
CA LEU A 296 27.74 20.50 -1.47
C LEU A 296 28.21 21.47 -2.56
N VAL A 297 27.36 22.41 -2.95
CA VAL A 297 27.70 23.40 -3.97
C VAL A 297 28.59 24.49 -3.39
N ALA A 298 28.20 25.01 -2.23
CA ALA A 298 28.96 26.05 -1.55
C ALA A 298 30.37 25.64 -1.16
N GLU A 299 30.58 24.39 -0.77
CA GLU A 299 31.91 23.93 -0.38
C GLU A 299 32.62 23.27 -1.56
N ASP A 300 31.99 23.35 -2.74
CA ASP A 300 32.55 22.80 -3.96
C ASP A 300 32.95 21.34 -3.84
N LEU A 301 32.08 20.53 -3.24
CA LEU A 301 32.37 19.13 -3.01
C LEU A 301 31.69 18.18 -3.99
N TYR A 302 30.60 18.60 -4.60
CA TYR A 302 29.81 17.69 -5.43
C TYR A 302 30.54 17.15 -6.65
N ASP A 303 30.04 16.04 -7.18
CA ASP A 303 30.67 15.40 -8.33
C ASP A 303 30.29 16.08 -9.64
N LYS A 304 31.12 17.04 -10.09
CA LYS A 304 30.81 17.75 -11.33
C LYS A 304 30.86 16.87 -12.57
N ASP A 305 31.72 15.85 -12.57
CA ASP A 305 31.82 14.94 -13.71
C ASP A 305 30.59 14.07 -13.84
N PHE A 306 30.08 13.55 -12.70
CA PHE A 306 28.87 12.75 -12.79
C PHE A 306 27.73 13.62 -13.33
N ILE A 307 27.57 14.83 -12.76
CA ILE A 307 26.51 15.73 -13.21
C ILE A 307 26.63 16.02 -14.69
N ALA A 308 27.84 16.32 -15.18
CA ALA A 308 28.03 16.66 -16.59
C ALA A 308 27.73 15.55 -17.57
N ASN A 309 28.09 14.31 -17.25
CA ASN A 309 27.94 13.22 -18.17
C ASN A 309 26.70 12.38 -18.03
N TYR A 310 26.04 12.38 -16.88
CA TYR A 310 24.90 11.48 -16.68
C TYR A 310 23.58 12.16 -16.37
N THR A 311 23.55 13.49 -16.26
CA THR A 311 22.31 14.19 -15.92
C THR A 311 21.99 15.30 -16.92
N SER A 312 20.75 15.75 -16.87
CA SER A 312 20.32 16.86 -17.69
C SER A 312 19.56 17.88 -16.85
N GLY A 313 19.87 19.18 -17.05
CA GLY A 313 19.13 20.22 -16.39
C GLY A 313 19.65 20.75 -15.07
N PHE A 314 20.84 20.35 -14.63
CA PHE A 314 21.38 20.85 -13.37
C PHE A 314 21.60 22.36 -13.43
N ASP A 315 21.98 22.91 -14.58
CA ASP A 315 22.13 24.35 -14.73
C ASP A 315 20.84 25.13 -14.54
N LYS A 316 19.66 24.53 -14.74
CA LYS A 316 18.41 25.24 -14.50
C LYS A 316 17.97 25.10 -13.06
N PHE A 317 18.54 24.13 -12.34
CA PHE A 317 18.24 23.94 -10.92
C PHE A 317 19.15 24.76 -10.01
N LEU A 318 20.39 25.00 -10.40
CA LEU A 318 21.37 25.77 -9.62
C LEU A 318 20.90 27.14 -9.16
N PRO A 319 20.34 27.97 -10.02
CA PRO A 319 19.82 29.28 -9.67
C PRO A 319 18.76 29.24 -8.59
N TYR A 320 17.92 28.20 -8.59
CA TYR A 320 16.89 28.03 -7.59
C TYR A 320 17.53 27.72 -6.23
N LEU A 321 18.47 26.77 -6.26
CA LEU A 321 19.19 26.34 -5.07
C LEU A 321 19.95 27.48 -4.40
N ASP A 322 20.56 28.35 -5.21
CA ASP A 322 21.30 29.51 -4.73
C ASP A 322 20.43 30.70 -4.41
N GLY A 323 19.14 30.66 -4.71
CA GLY A 323 18.23 31.75 -4.38
C GLY A 323 18.26 32.92 -5.34
N GLU A 324 18.73 32.71 -6.57
CA GLU A 324 18.74 33.77 -7.56
C GLU A 324 17.33 34.07 -8.07
N THR A 325 16.46 33.06 -8.09
CA THR A 325 15.11 33.17 -8.58
C THR A 325 14.07 33.64 -7.58
N ASP A 326 14.32 33.50 -6.28
CA ASP A 326 13.31 33.85 -5.28
C ASP A 326 13.88 34.58 -4.08
N SER A 327 15.14 34.98 -4.14
CA SER A 327 15.81 35.70 -3.07
C SER A 327 15.98 34.89 -1.80
N THR A 328 15.92 33.56 -1.89
CA THR A 328 16.02 32.69 -0.75
C THR A 328 16.97 31.52 -0.95
N PRO A 329 18.25 31.74 -0.69
CA PRO A 329 19.24 30.69 -0.79
C PRO A 329 18.79 29.52 0.08
N LYS A 330 18.80 28.31 -0.46
CA LYS A 330 18.33 27.13 0.30
C LYS A 330 19.45 26.53 1.15
N THR A 331 20.02 27.31 2.06
CA THR A 331 21.12 26.92 2.91
C THR A 331 20.68 25.93 3.98
N ALA A 332 21.67 25.34 4.67
CA ALA A 332 21.39 24.46 5.80
C ALA A 332 20.65 25.22 6.90
N GLU A 333 20.96 26.51 7.11
CA GLU A 333 20.30 27.34 8.10
C GLU A 333 18.84 27.59 7.74
N TRP A 334 18.56 27.81 6.45
CA TRP A 334 17.17 27.93 5.99
C TRP A 334 16.45 26.61 6.27
N ALA A 335 17.08 25.49 5.96
CA ALA A 335 16.47 24.17 6.16
C ALA A 335 16.19 23.84 7.62
N GLU A 336 17.07 24.33 8.50
CA GLU A 336 16.89 24.18 9.94
C GLU A 336 15.64 24.90 10.40
N GLY A 337 15.39 26.12 9.89
CA GLY A 337 14.19 26.87 10.26
C GLY A 337 12.91 26.14 9.92
N ILE A 338 12.89 25.36 8.83
CA ILE A 338 11.70 24.62 8.45
C ILE A 338 11.60 23.24 9.09
N SER A 339 12.68 22.49 9.09
CA SER A 339 12.71 21.11 9.57
C SER A 339 13.02 20.91 11.03
N GLY A 340 13.69 21.86 11.68
CA GLY A 340 14.07 21.69 13.09
C GLY A 340 15.38 20.95 13.27
N VAL A 341 15.98 20.43 12.20
CA VAL A 341 17.23 19.70 12.28
C VAL A 341 18.38 20.71 12.24
N PRO A 342 19.32 20.62 13.17
CA PRO A 342 20.41 21.59 13.25
C PRO A 342 21.17 21.75 11.96
N ALA A 343 21.41 23.01 11.57
CA ALA A 343 22.18 23.30 10.36
C ALA A 343 23.50 22.53 10.29
N GLU A 344 24.25 22.47 11.40
CA GLU A 344 25.53 21.79 11.38
C GLU A 344 25.41 20.29 11.16
N THR A 345 24.31 19.70 11.61
CA THR A 345 24.06 18.28 11.39
C THR A 345 23.76 18.05 9.92
N ILE A 346 22.98 18.95 9.34
CA ILE A 346 22.69 18.88 7.90
C ILE A 346 24.00 18.95 7.11
N LYS A 347 24.87 19.92 7.43
CA LYS A 347 26.15 20.01 6.72
C LYS A 347 27.04 18.79 6.92
N GLU A 348 27.15 18.27 8.15
CA GLU A 348 28.02 17.12 8.40
C GLU A 348 27.57 15.86 7.67
N LEU A 349 26.25 15.68 7.59
CA LEU A 349 25.70 14.52 6.86
C LEU A 349 26.06 14.65 5.38
N ALA A 350 25.90 15.85 4.82
CA ALA A 350 26.22 16.07 3.39
C ALA A 350 27.66 15.70 3.11
N ARG A 351 28.60 16.20 3.92
CA ARG A 351 30.02 15.88 3.75
C ARG A 351 30.29 14.38 3.89
N LEU A 352 29.66 13.72 4.85
CA LEU A 352 29.87 12.30 5.06
C LEU A 352 29.39 11.46 3.88
N PHE A 353 28.20 11.78 3.37
CA PHE A 353 27.68 11.05 2.20
C PHE A 353 28.60 11.20 0.99
N GLU A 354 29.22 12.36 0.82
CA GLU A 354 30.09 12.59 -0.33
C GLU A 354 31.42 11.86 -0.20
N SER A 355 31.90 11.63 1.02
CA SER A 355 33.22 11.01 1.16
C SER A 355 33.24 9.51 1.37
N LYS A 356 32.08 8.87 1.54
CA LYS A 356 32.03 7.43 1.77
C LYS A 356 31.09 6.76 0.77
N ARG A 357 31.22 5.46 0.54
CA ARG A 357 30.28 4.79 -0.38
C ARG A 357 28.94 4.71 0.36
N THR A 358 27.97 5.48 -0.08
CA THR A 358 26.68 5.63 0.59
C THR A 358 25.49 5.14 -0.21
N MET A 359 24.61 4.40 0.46
CA MET A 359 23.38 3.94 -0.18
C MET A 359 22.20 4.67 0.48
N LEU A 360 21.41 5.38 -0.32
CA LEU A 360 20.24 6.07 0.21
C LEU A 360 19.01 5.19 -0.01
N ALA A 361 18.59 4.46 1.02
CA ALA A 361 17.43 3.58 0.91
C ALA A 361 16.22 4.36 1.43
N ALA A 362 15.34 4.76 0.51
CA ALA A 362 14.21 5.59 0.93
C ALA A 362 12.90 4.82 0.91
N GLY A 363 12.05 5.11 1.89
CA GLY A 363 10.74 4.49 1.99
C GLY A 363 9.71 5.40 1.33
N TRP A 364 8.42 5.07 1.48
CA TRP A 364 7.37 5.74 0.73
C TRP A 364 6.43 6.63 1.50
N SER A 365 6.59 6.72 2.82
CA SER A 365 5.69 7.59 3.59
C SER A 365 5.81 9.04 3.15
N MET A 366 7.05 9.47 2.88
CA MET A 366 7.27 10.87 2.51
C MET A 366 6.72 11.27 1.16
N GLN A 367 6.27 10.37 0.29
CA GLN A 367 5.62 10.72 -0.95
C GLN A 367 4.11 10.47 -0.83
N ARG A 368 3.64 9.98 0.33
CA ARG A 368 2.20 9.77 0.60
C ARG A 368 1.65 10.99 1.30
N MET A 369 1.93 12.17 0.72
CA MET A 369 1.73 13.48 1.28
C MET A 369 1.61 14.55 0.20
N HIS A 370 1.13 15.73 0.58
CA HIS A 370 0.95 16.79 -0.43
C HIS A 370 2.27 17.14 -1.10
N HIS A 371 2.28 17.27 -2.43
CA HIS A 371 3.48 17.49 -3.21
C HIS A 371 4.45 16.33 -3.06
N GLY A 372 3.93 15.09 -2.89
CA GLY A 372 4.80 13.95 -2.70
C GLY A 372 5.78 13.65 -3.81
N GLU A 373 5.50 14.10 -5.04
CA GLU A 373 6.37 13.90 -6.18
C GLU A 373 7.76 14.49 -5.93
N GLN A 374 7.84 15.59 -5.19
CA GLN A 374 9.12 16.22 -4.95
C GLN A 374 10.07 15.39 -4.09
N ALA A 375 9.58 14.60 -3.14
CA ALA A 375 10.48 13.86 -2.25
C ALA A 375 11.47 12.95 -2.95
N HIS A 376 11.05 12.01 -3.81
CA HIS A 376 12.02 11.09 -4.42
C HIS A 376 12.73 11.74 -5.60
N TRP A 377 12.12 12.76 -6.20
CA TRP A 377 12.77 13.51 -7.28
C TRP A 377 13.99 14.22 -6.70
N MET A 378 13.80 14.87 -5.56
CA MET A 378 14.93 15.54 -4.90
C MET A 378 15.93 14.53 -4.36
N LEU A 379 15.49 13.35 -3.92
CA LEU A 379 16.43 12.34 -3.44
C LEU A 379 17.36 11.89 -4.55
N VAL A 380 16.82 11.69 -5.75
CA VAL A 380 17.61 11.26 -6.91
C VAL A 380 18.56 12.37 -7.36
N THR A 381 18.12 13.61 -7.22
CA THR A 381 18.92 14.79 -7.51
C THR A 381 20.10 14.86 -6.56
N LEU A 382 19.82 14.66 -5.26
CA LEU A 382 20.94 14.62 -4.29
C LEU A 382 21.86 13.46 -4.60
N ALA A 383 21.33 12.27 -4.89
CA ALA A 383 22.15 11.12 -5.24
C ALA A 383 23.02 11.38 -6.46
N SER A 384 22.50 12.13 -7.43
CA SER A 384 23.27 12.46 -8.63
C SER A 384 24.46 13.34 -8.27
N MET A 385 24.24 14.27 -7.33
CA MET A 385 25.31 15.16 -6.89
C MET A 385 26.40 14.39 -6.17
N LEU A 386 26.06 13.30 -5.48
CA LEU A 386 27.04 12.46 -4.78
C LEU A 386 27.87 11.65 -5.77
N GLY A 387 27.31 11.32 -6.93
CA GLY A 387 28.02 10.66 -8.00
C GLY A 387 28.28 9.18 -7.90
N GLN A 388 27.53 8.46 -7.05
CA GLN A 388 27.79 7.04 -6.89
C GLN A 388 26.75 6.15 -7.53
N ILE A 389 25.80 6.73 -8.26
CA ILE A 389 24.79 5.87 -8.91
C ILE A 389 25.51 4.91 -9.86
N GLY A 390 25.21 3.62 -9.75
CA GLY A 390 25.81 2.61 -10.61
C GLY A 390 27.07 1.98 -10.04
N LEU A 391 27.55 2.46 -8.89
CA LEU A 391 28.73 1.84 -8.26
C LEU A 391 28.22 0.78 -7.28
N PRO A 392 28.97 -0.30 -7.12
CA PRO A 392 28.60 -1.34 -6.17
C PRO A 392 28.44 -0.74 -4.79
N GLY A 393 27.24 -0.88 -4.22
CA GLY A 393 26.95 -0.39 -2.88
C GLY A 393 26.65 1.09 -2.76
N GLY A 394 26.62 1.83 -3.85
CA GLY A 394 26.33 3.27 -3.81
C GLY A 394 25.04 3.61 -4.56
N GLY A 395 24.59 4.85 -4.46
CA GLY A 395 23.40 5.30 -5.18
C GLY A 395 22.18 5.40 -4.28
N PHE A 396 21.05 4.88 -4.79
CA PHE A 396 19.80 4.96 -4.02
C PHE A 396 18.98 3.71 -4.33
N GLY A 397 17.99 3.43 -3.50
CA GLY A 397 17.13 2.26 -3.72
C GLY A 397 15.76 2.59 -3.12
N LEU A 398 14.69 2.35 -3.89
CA LEU A 398 13.37 2.66 -3.37
C LEU A 398 12.55 1.43 -2.99
N SER A 399 13.18 0.26 -2.88
CA SER A 399 12.39 -0.90 -2.46
C SER A 399 13.11 -1.83 -1.50
N TYR A 400 14.03 -1.35 -0.66
CA TYR A 400 14.71 -2.20 0.31
C TYR A 400 13.81 -2.55 1.50
N HIS A 401 12.74 -1.79 1.69
CA HIS A 401 11.79 -2.01 2.77
C HIS A 401 10.57 -2.77 2.33
N TYR A 402 10.46 -3.14 1.05
CA TYR A 402 9.21 -3.76 0.59
C TYR A 402 9.42 -5.07 -0.14
N SER A 403 8.71 -6.11 0.29
CA SER A 403 8.68 -7.41 -0.34
C SER A 403 10.01 -8.02 -0.75
N GLY A 404 11.04 -7.87 0.06
CA GLY A 404 12.35 -8.44 -0.15
C GLY A 404 13.19 -7.82 -1.24
N GLY A 405 12.96 -6.57 -1.63
CA GLY A 405 13.80 -5.95 -2.69
C GLY A 405 15.26 -6.06 -2.26
N GLY A 406 16.11 -6.52 -3.18
CA GLY A 406 17.52 -6.70 -2.88
C GLY A 406 17.87 -8.17 -2.66
N THR A 407 16.87 -9.01 -2.39
CA THR A 407 17.17 -10.45 -2.21
C THR A 407 17.52 -11.00 -3.58
N PRO A 408 18.68 -11.66 -3.74
CA PRO A 408 19.10 -12.16 -5.03
C PRO A 408 18.05 -12.92 -5.82
N SER A 409 17.85 -12.55 -7.08
CA SER A 409 16.88 -13.24 -7.92
C SER A 409 17.45 -14.58 -8.43
N THR A 410 16.56 -15.54 -8.59
CA THR A 410 16.93 -16.85 -9.11
C THR A 410 16.82 -16.81 -10.64
N SER A 411 17.11 -17.94 -11.28
CA SER A 411 16.98 -18.05 -12.72
C SER A 411 15.69 -18.77 -13.10
N GLY A 412 14.77 -18.94 -12.15
CA GLY A 412 13.53 -19.66 -12.41
C GLY A 412 12.57 -18.90 -13.31
N PRO A 413 11.57 -19.61 -13.82
CA PRO A 413 10.54 -19.04 -14.68
C PRO A 413 9.50 -18.24 -13.91
N ALA A 414 8.74 -17.43 -14.63
CA ALA A 414 7.66 -16.64 -14.05
C ALA A 414 6.38 -17.47 -14.07
N LEU A 415 5.59 -17.35 -13.03
CA LEU A 415 4.32 -18.06 -12.94
C LEU A 415 3.20 -17.11 -13.36
N ALA A 416 2.26 -17.58 -14.15
CA ALA A 416 1.15 -16.75 -14.59
C ALA A 416 -0.11 -17.26 -13.89
N GLY A 417 -1.20 -16.51 -13.97
CA GLY A 417 -2.44 -16.89 -13.30
C GLY A 417 -3.64 -16.51 -14.15
N ILE A 418 -4.82 -16.60 -13.55
CA ILE A 418 -6.06 -16.29 -14.27
C ILE A 418 -6.08 -14.81 -14.64
N THR A 419 -6.68 -14.52 -15.79
CA THR A 419 -6.71 -13.15 -16.31
C THR A 419 -8.13 -12.62 -16.33
N ASP A 420 -8.29 -11.31 -16.57
CA ASP A 420 -9.66 -10.77 -16.64
C ASP A 420 -10.22 -10.96 -18.04
N GLY A 421 -9.42 -11.46 -18.96
CA GLY A 421 -9.80 -11.71 -20.34
C GLY A 421 -9.73 -10.48 -21.25
N GLY A 422 -9.55 -9.29 -20.69
CA GLY A 422 -9.51 -8.05 -21.45
C GLY A 422 -8.56 -8.11 -22.64
N ALA A 423 -7.46 -8.72 -22.72
CA ALA A 423 -6.49 -8.63 -23.80
C ALA A 423 -6.85 -9.48 -25.01
N ALA A 424 -7.93 -10.24 -24.95
CA ALA A 424 -8.39 -11.06 -26.06
C ALA A 424 -9.91 -10.86 -26.16
N THR A 425 -10.29 -9.59 -26.27
CA THR A 425 -11.68 -9.20 -26.30
C THR A 425 -12.11 -8.35 -27.49
N LYS A 426 -12.52 -7.15 -27.20
CA LYS A 426 -13.10 -6.02 -27.84
C LYS A 426 -14.15 -5.57 -26.79
N GLY A 427 -13.65 -4.84 -25.80
CA GLY A 427 -14.49 -4.39 -24.71
C GLY A 427 -15.45 -3.31 -25.19
N PRO A 428 -15.80 -2.39 -24.29
CA PRO A 428 -16.73 -1.33 -24.59
C PRO A 428 -16.26 -0.36 -25.66
N GLU A 429 -17.24 0.24 -26.33
CA GLU A 429 -16.97 1.30 -27.31
C GLU A 429 -17.06 2.57 -26.46
N TRP A 430 -15.90 3.11 -26.12
CA TRP A 430 -15.80 4.24 -25.21
C TRP A 430 -15.36 5.53 -25.88
N LEU A 431 -15.70 6.65 -25.25
CA LEU A 431 -15.32 7.96 -25.75
C LEU A 431 -15.64 9.04 -24.73
N ALA A 432 -14.88 10.13 -24.66
CA ALA A 432 -15.21 11.22 -23.76
C ALA A 432 -16.72 11.41 -23.83
N ALA A 433 -17.33 11.97 -22.80
CA ALA A 433 -18.80 12.00 -22.65
C ALA A 433 -18.95 10.66 -21.95
N SER A 434 -19.73 10.38 -20.93
CA SER A 434 -19.64 9.10 -20.23
C SER A 434 -18.39 9.03 -19.35
N GLY A 435 -17.37 9.86 -19.46
CA GLY A 435 -16.19 9.86 -18.63
C GLY A 435 -15.09 8.86 -19.00
N ALA A 436 -13.92 9.10 -18.60
CA ALA A 436 -12.75 8.24 -18.60
C ALA A 436 -13.07 6.83 -18.13
N SER A 437 -12.42 5.83 -18.72
CA SER A 437 -12.64 4.45 -18.31
C SER A 437 -11.74 4.08 -17.13
N VAL A 438 -10.77 4.93 -16.83
CA VAL A 438 -9.82 4.66 -15.74
C VAL A 438 -9.60 5.95 -14.93
N ILE A 439 -9.57 5.91 -13.61
CA ILE A 439 -9.26 7.08 -12.79
C ILE A 439 -8.10 6.71 -11.85
N PRO A 440 -7.32 7.68 -11.44
CA PRO A 440 -6.28 7.43 -10.42
C PRO A 440 -7.03 6.92 -9.19
N VAL A 441 -6.58 5.85 -8.56
CA VAL A 441 -7.32 5.19 -7.50
C VAL A 441 -7.81 6.09 -6.37
N ALA A 442 -7.01 7.04 -5.92
CA ALA A 442 -7.43 7.87 -4.80
C ALA A 442 -8.42 8.96 -5.14
N ARG A 443 -8.84 9.10 -6.39
CA ARG A 443 -9.83 10.11 -6.78
C ARG A 443 -11.23 9.51 -6.81
N VAL A 444 -11.44 8.35 -6.19
CA VAL A 444 -12.74 7.71 -6.18
C VAL A 444 -13.84 8.54 -5.58
N VAL A 445 -13.63 9.26 -4.48
CA VAL A 445 -14.66 10.13 -3.90
C VAL A 445 -14.83 11.41 -4.70
N ASP A 446 -13.76 12.01 -5.24
CA ASP A 446 -13.90 13.14 -6.15
C ASP A 446 -14.79 12.75 -7.33
N MET A 447 -14.60 11.57 -7.88
CA MET A 447 -15.41 11.05 -8.98
C MET A 447 -16.89 11.01 -8.61
N LEU A 448 -17.20 10.42 -7.44
CA LEU A 448 -18.59 10.36 -7.01
C LEU A 448 -19.23 11.72 -6.82
N GLU A 449 -18.51 12.70 -6.29
CA GLU A 449 -19.07 14.01 -6.03
C GLU A 449 -19.17 14.89 -7.27
N ASN A 450 -18.34 14.63 -8.28
CA ASN A 450 -18.27 15.43 -9.48
C ASN A 450 -18.32 14.71 -10.81
N PRO A 451 -19.38 13.97 -11.08
CA PRO A 451 -19.53 13.27 -12.35
C PRO A 451 -19.42 14.24 -13.51
N GLY A 452 -18.70 13.90 -14.57
CA GLY A 452 -18.55 14.79 -15.71
C GLY A 452 -17.50 15.88 -15.56
N ALA A 453 -16.98 16.16 -14.37
CA ALA A 453 -15.98 17.22 -14.24
C ALA A 453 -14.64 16.72 -14.79
N GLU A 454 -13.79 17.65 -15.22
CA GLU A 454 -12.48 17.29 -15.74
C GLU A 454 -11.45 17.18 -14.62
N PHE A 455 -10.42 16.37 -14.82
CA PHE A 455 -9.32 16.27 -13.87
C PHE A 455 -8.02 16.16 -14.67
N ASP A 456 -6.91 16.62 -14.10
CA ASP A 456 -5.63 16.52 -14.78
C ASP A 456 -4.93 15.23 -14.35
N PHE A 457 -4.11 14.65 -15.23
CA PHE A 457 -3.30 13.50 -14.80
C PHE A 457 -2.15 13.32 -15.77
N ASN A 458 -0.93 13.54 -15.29
CA ASN A 458 0.26 13.33 -16.09
C ASN A 458 0.21 13.97 -17.47
N GLY A 459 -0.26 15.21 -17.57
CA GLY A 459 -0.27 15.93 -18.83
C GLY A 459 -1.49 15.79 -19.69
N THR A 460 -2.48 15.03 -19.27
CA THR A 460 -3.72 14.81 -20.00
C THR A 460 -4.89 15.28 -19.16
N ARG A 461 -6.01 15.58 -19.79
CA ARG A 461 -7.22 15.98 -19.09
C ARG A 461 -8.26 14.89 -19.39
N SER A 462 -9.03 14.51 -18.39
CA SER A 462 -10.04 13.48 -18.62
C SER A 462 -11.30 13.86 -17.84
N LYS A 463 -12.41 13.18 -18.12
CA LYS A 463 -13.64 13.47 -17.40
C LYS A 463 -14.01 12.30 -16.49
N PHE A 464 -14.56 12.63 -15.33
CA PHE A 464 -15.00 11.59 -14.39
C PHE A 464 -16.27 10.95 -14.94
N PRO A 465 -16.36 9.63 -14.91
CA PRO A 465 -17.57 8.94 -15.36
C PRO A 465 -18.65 9.08 -14.28
N ASP A 466 -19.90 8.83 -14.62
CA ASP A 466 -21.02 8.93 -13.69
C ASP A 466 -21.39 7.55 -13.17
N VAL A 467 -20.71 7.14 -12.10
CA VAL A 467 -20.86 5.80 -11.53
C VAL A 467 -22.09 5.66 -10.65
N LYS A 468 -22.79 4.54 -10.77
CA LYS A 468 -23.98 4.30 -9.96
C LYS A 468 -23.86 3.05 -9.10
N MET A 469 -22.86 2.21 -9.36
CA MET A 469 -22.71 0.98 -8.55
C MET A 469 -21.23 0.70 -8.29
N ALA A 470 -20.87 0.18 -7.12
CA ALA A 470 -19.47 -0.19 -6.91
C ALA A 470 -19.49 -1.62 -6.38
N TYR A 471 -18.53 -2.42 -6.85
CA TYR A 471 -18.45 -3.81 -6.40
C TYR A 471 -17.05 -3.98 -5.82
N TRP A 472 -16.93 -4.28 -4.54
CA TRP A 472 -15.60 -4.35 -3.94
C TRP A 472 -15.34 -5.72 -3.33
N VAL A 473 -14.20 -6.30 -3.67
CA VAL A 473 -13.78 -7.57 -3.10
C VAL A 473 -12.29 -7.44 -2.73
N GLY A 474 -11.86 -8.11 -1.66
CA GLY A 474 -10.46 -8.08 -1.26
C GLY A 474 -9.90 -6.70 -0.97
N GLY A 475 -10.71 -5.79 -0.45
CA GLY A 475 -10.21 -4.45 -0.13
C GLY A 475 -11.07 -3.86 0.97
N ASN A 476 -10.58 -2.78 1.60
CA ASN A 476 -11.38 -2.19 2.70
C ASN A 476 -11.33 -0.69 2.61
N PRO A 477 -11.99 -0.10 1.61
CA PRO A 477 -11.99 1.35 1.41
C PRO A 477 -12.54 2.15 2.56
N PHE A 478 -13.43 1.59 3.38
CA PHE A 478 -13.96 2.26 4.58
C PHE A 478 -12.93 2.25 5.71
N VAL A 479 -11.70 1.85 5.45
CA VAL A 479 -10.56 1.96 6.33
C VAL A 479 -9.41 2.61 5.55
N HIS A 480 -9.17 2.20 4.30
CA HIS A 480 -8.00 2.68 3.55
C HIS A 480 -8.11 4.05 2.91
N HIS A 481 -9.32 4.52 2.62
CA HIS A 481 -9.46 5.82 1.94
C HIS A 481 -9.51 6.99 2.92
N GLN A 482 -9.09 8.15 2.46
CA GLN A 482 -8.97 9.34 3.29
C GLN A 482 -10.27 10.13 3.42
N ASP A 483 -10.35 10.86 4.52
CA ASP A 483 -11.45 11.73 4.89
C ASP A 483 -12.75 10.94 4.96
N ARG A 484 -12.82 10.06 5.98
CA ARG A 484 -13.97 9.19 6.16
C ARG A 484 -15.31 9.93 6.14
N ASN A 485 -15.42 11.08 6.79
CA ASN A 485 -16.72 11.75 6.84
C ASN A 485 -17.16 12.22 5.46
N ARG A 486 -16.23 12.71 4.65
CA ARG A 486 -16.56 13.11 3.29
C ARG A 486 -17.05 11.91 2.48
N MET A 487 -16.32 10.81 2.63
CA MET A 487 -16.59 9.56 1.92
C MET A 487 -17.94 8.97 2.29
N VAL A 488 -18.27 9.01 3.58
CA VAL A 488 -19.57 8.47 4.03
C VAL A 488 -20.72 9.16 3.32
N LYS A 489 -20.64 10.47 3.18
CA LYS A 489 -21.69 11.25 2.50
C LYS A 489 -21.68 11.02 1.00
N ALA A 490 -20.48 10.93 0.41
CA ALA A 490 -20.36 10.71 -1.03
C ALA A 490 -20.91 9.37 -1.47
N TRP A 491 -20.80 8.34 -0.61
CA TRP A 491 -21.28 7.01 -0.95
C TRP A 491 -22.80 6.96 -1.15
N GLU A 492 -23.56 7.99 -0.73
CA GLU A 492 -25.00 8.02 -0.92
C GLU A 492 -25.37 8.18 -2.39
N LYS A 493 -24.41 8.55 -3.23
CA LYS A 493 -24.57 8.69 -4.66
C LYS A 493 -24.68 7.34 -5.36
N LEU A 494 -24.19 6.26 -4.72
CA LEU A 494 -24.29 4.94 -5.32
C LEU A 494 -25.64 4.30 -5.03
N GLU A 495 -26.24 3.73 -6.06
CA GLU A 495 -27.51 3.02 -5.92
C GLU A 495 -27.28 1.70 -5.19
N THR A 496 -26.21 1.00 -5.58
CA THR A 496 -25.94 -0.33 -5.09
C THR A 496 -24.45 -0.54 -4.80
N PHE A 497 -24.18 -1.15 -3.65
CA PHE A 497 -22.79 -1.40 -3.25
C PHE A 497 -22.72 -2.86 -2.79
N VAL A 498 -21.94 -3.67 -3.49
CA VAL A 498 -21.83 -5.10 -3.18
C VAL A 498 -20.41 -5.40 -2.70
N VAL A 499 -20.29 -6.20 -1.65
CA VAL A 499 -18.97 -6.49 -1.09
C VAL A 499 -18.81 -7.99 -0.83
N HIS A 500 -17.62 -8.54 -1.09
CA HIS A 500 -17.31 -9.87 -0.65
C HIS A 500 -16.13 -9.74 0.34
N ASP A 501 -16.21 -10.43 1.48
CA ASP A 501 -15.06 -10.50 2.39
C ASP A 501 -15.29 -11.71 3.31
N PHE A 502 -14.30 -12.10 4.10
CA PHE A 502 -14.55 -13.16 5.09
C PHE A 502 -14.57 -12.56 6.49
N GLN A 503 -14.32 -11.27 6.68
CA GLN A 503 -14.40 -10.63 7.99
C GLN A 503 -15.38 -9.45 7.94
N TRP A 504 -16.07 -9.15 9.02
CA TRP A 504 -17.02 -8.04 9.08
C TRP A 504 -16.30 -6.71 9.24
N THR A 505 -15.66 -6.25 8.17
CA THR A 505 -14.91 -5.00 8.21
C THR A 505 -15.90 -3.85 8.12
N PRO A 506 -15.46 -2.63 8.35
CA PRO A 506 -16.30 -1.46 8.10
C PRO A 506 -16.84 -1.44 6.67
N THR A 507 -16.10 -1.91 5.67
CA THR A 507 -16.59 -1.92 4.29
C THR A 507 -17.77 -2.89 4.16
N ALA A 508 -17.61 -4.11 4.68
CA ALA A 508 -18.71 -5.09 4.64
C ALA A 508 -19.92 -4.56 5.38
N ARG A 509 -19.71 -3.90 6.54
CA ARG A 509 -20.82 -3.31 7.29
C ARG A 509 -21.59 -2.26 6.50
N HIS A 510 -20.95 -1.58 5.56
CA HIS A 510 -21.61 -0.54 4.78
C HIS A 510 -22.20 -1.02 3.47
N ALA A 511 -22.16 -2.31 3.17
CA ALA A 511 -22.66 -2.79 1.88
C ALA A 511 -24.17 -2.94 1.84
N ASP A 512 -24.70 -2.96 0.62
CA ASP A 512 -26.12 -3.26 0.44
C ASP A 512 -26.27 -4.78 0.38
N ILE A 513 -25.31 -5.44 -0.24
CA ILE A 513 -25.31 -6.90 -0.33
C ILE A 513 -23.93 -7.40 0.12
N VAL A 514 -23.89 -8.30 1.10
CA VAL A 514 -22.62 -8.81 1.62
C VAL A 514 -22.54 -10.31 1.36
N LEU A 515 -21.51 -10.82 0.68
CA LEU A 515 -21.39 -12.25 0.43
C LEU A 515 -20.14 -12.79 1.10
N PRO A 516 -20.28 -13.87 1.86
CA PRO A 516 -19.17 -14.44 2.60
C PRO A 516 -18.24 -15.25 1.72
N ALA A 517 -17.01 -14.76 1.65
CA ALA A 517 -15.97 -15.46 0.89
C ALA A 517 -15.20 -16.40 1.81
N THR A 518 -14.47 -17.33 1.21
CA THR A 518 -13.60 -18.21 1.98
C THR A 518 -12.23 -17.54 2.08
N THR A 519 -11.41 -18.05 2.99
CA THR A 519 -10.03 -17.67 3.11
C THR A 519 -9.23 -18.57 2.15
N SER A 520 -7.93 -18.29 2.00
CA SER A 520 -7.07 -19.14 1.22
C SER A 520 -6.96 -20.54 1.83
N TYR A 521 -7.18 -20.67 3.13
CA TYR A 521 -7.00 -21.91 3.87
C TYR A 521 -8.12 -22.90 3.65
N GLU A 522 -9.18 -22.49 2.97
CA GLU A 522 -10.33 -23.35 2.68
C GLU A 522 -10.41 -23.72 1.20
N ARG A 523 -9.30 -23.64 0.50
CA ARG A 523 -9.25 -23.91 -0.94
C ARG A 523 -7.83 -24.21 -1.37
N ASN A 524 -7.61 -24.55 -2.64
CA ASN A 524 -6.27 -24.85 -3.14
C ASN A 524 -5.81 -23.74 -4.09
N ASP A 525 -4.51 -23.53 -4.19
CA ASP A 525 -4.01 -22.50 -5.11
C ASP A 525 -2.51 -22.73 -5.31
N ILE A 526 -1.90 -21.82 -6.07
CA ILE A 526 -0.46 -21.91 -6.31
C ILE A 526 0.10 -20.49 -6.37
N GLU A 527 1.32 -20.28 -5.87
CA GLU A 527 1.85 -18.90 -5.93
C GLU A 527 3.36 -18.90 -5.84
N THR A 528 3.95 -17.81 -6.32
CA THR A 528 5.38 -17.60 -6.26
C THR A 528 5.81 -17.20 -4.85
N ILE A 529 7.01 -17.62 -4.47
CA ILE A 529 7.63 -17.20 -3.23
C ILE A 529 8.67 -16.14 -3.62
N GLY A 530 8.45 -14.89 -3.23
CA GLY A 530 9.42 -13.85 -3.52
C GLY A 530 9.07 -12.94 -4.68
N ASP A 531 8.53 -11.76 -4.40
CA ASP A 531 8.23 -10.79 -5.44
C ASP A 531 9.41 -10.45 -6.35
N TYR A 532 10.60 -10.33 -5.78
CA TYR A 532 11.80 -10.02 -6.54
C TYR A 532 12.73 -11.22 -6.68
N SER A 533 12.85 -12.01 -5.61
CA SER A 533 13.75 -13.16 -5.60
C SER A 533 13.30 -14.32 -6.45
N ASN A 534 11.99 -14.53 -6.61
CA ASN A 534 11.49 -15.71 -7.31
C ASN A 534 12.18 -16.94 -6.73
N THR A 535 12.14 -17.12 -5.42
CA THR A 535 12.73 -18.23 -4.71
C THR A 535 12.18 -19.58 -5.12
N GLY A 536 10.88 -19.64 -5.38
CA GLY A 536 10.27 -20.91 -5.77
C GLY A 536 8.77 -20.73 -5.99
N ILE A 537 8.11 -21.86 -6.15
CA ILE A 537 6.67 -21.91 -6.33
C ILE A 537 6.09 -22.81 -5.24
N LEU A 538 5.03 -22.35 -4.57
CA LEU A 538 4.43 -23.11 -3.48
C LEU A 538 3.03 -23.60 -3.82
N ALA A 539 2.70 -24.80 -3.37
CA ALA A 539 1.34 -25.31 -3.48
C ALA A 539 0.61 -24.82 -2.22
N MET A 540 -0.41 -23.99 -2.39
CA MET A 540 -1.18 -23.46 -1.27
C MET A 540 -2.34 -24.44 -1.05
N LYS A 541 -2.05 -25.51 -0.31
CA LYS A 541 -2.99 -26.60 -0.13
C LYS A 541 -4.12 -26.29 0.84
N LYS A 542 -5.29 -26.83 0.51
CA LYS A 542 -6.48 -26.68 1.35
C LYS A 542 -6.20 -27.26 2.73
N ILE A 543 -6.54 -26.53 3.77
CA ILE A 543 -6.30 -26.97 5.15
C ILE A 543 -7.57 -27.47 5.82
N VAL A 544 -8.65 -26.70 5.70
CA VAL A 544 -9.94 -27.05 6.29
C VAL A 544 -11.07 -26.86 5.29
N GLU A 545 -12.24 -27.44 5.56
CA GLU A 545 -13.39 -27.22 4.66
C GLU A 545 -13.92 -25.80 4.86
N PRO A 546 -14.59 -25.26 3.84
CA PRO A 546 -15.20 -23.94 3.95
C PRO A 546 -16.07 -23.85 5.20
N LEU A 547 -15.97 -22.75 5.93
CA LEU A 547 -16.76 -22.53 7.13
C LEU A 547 -18.15 -22.00 6.79
N TYR A 548 -19.11 -22.33 7.64
CA TYR A 548 -20.48 -21.81 7.51
C TYR A 548 -20.98 -21.87 6.08
N GLU A 549 -21.50 -20.79 5.51
CA GLU A 549 -21.97 -20.82 4.11
C GLU A 549 -21.01 -20.06 3.20
N ALA A 550 -19.74 -19.94 3.60
CA ALA A 550 -18.75 -19.21 2.81
C ALA A 550 -18.44 -19.91 1.49
N ARG A 551 -18.16 -19.17 0.43
CA ARG A 551 -17.81 -19.75 -0.86
C ARG A 551 -16.62 -18.97 -1.44
N SER A 552 -15.84 -19.62 -2.30
CA SER A 552 -14.72 -18.88 -2.90
C SER A 552 -15.28 -17.77 -3.77
N ASP A 553 -14.49 -16.71 -3.95
CA ASP A 553 -14.91 -15.64 -4.87
C ASP A 553 -15.08 -16.21 -6.27
N TYR A 554 -14.24 -17.18 -6.65
CA TYR A 554 -14.36 -17.82 -7.96
C TYR A 554 -15.74 -18.43 -8.16
N ASP A 555 -16.22 -19.20 -7.18
CA ASP A 555 -17.52 -19.86 -7.26
C ASP A 555 -18.68 -18.86 -7.33
N ILE A 556 -18.53 -17.78 -6.56
CA ILE A 556 -19.52 -16.72 -6.52
C ILE A 556 -19.60 -16.05 -7.89
N PHE A 557 -18.47 -15.63 -8.45
CA PHE A 557 -18.51 -14.95 -9.76
C PHE A 557 -18.92 -15.90 -10.89
N ALA A 558 -18.58 -17.17 -10.79
CA ALA A 558 -18.99 -18.14 -11.81
C ALA A 558 -20.52 -18.25 -11.84
N ALA A 559 -21.16 -18.21 -10.67
CA ALA A 559 -22.61 -18.28 -10.56
C ALA A 559 -23.27 -16.99 -11.05
N VAL A 560 -22.62 -15.84 -10.83
CA VAL A 560 -23.18 -14.59 -11.36
C VAL A 560 -23.02 -14.59 -12.88
N ALA A 561 -21.88 -15.00 -13.40
CA ALA A 561 -21.68 -15.08 -14.85
C ALA A 561 -22.69 -16.03 -15.49
N GLU A 562 -23.03 -17.12 -14.81
CA GLU A 562 -24.02 -18.05 -15.33
C GLU A 562 -25.37 -17.38 -15.51
N ARG A 563 -25.78 -16.54 -14.56
CA ARG A 563 -27.05 -15.81 -14.67
C ARG A 563 -27.05 -14.74 -15.76
N LEU A 564 -25.88 -14.30 -16.21
CA LEU A 564 -25.76 -13.36 -17.30
C LEU A 564 -25.69 -14.06 -18.66
N GLY A 565 -25.77 -15.39 -18.67
CA GLY A 565 -25.69 -16.19 -19.87
C GLY A 565 -24.27 -16.44 -20.34
N LYS A 566 -23.28 -16.25 -19.46
CA LYS A 566 -21.88 -16.34 -19.84
C LYS A 566 -21.04 -17.27 -18.96
N GLY A 567 -21.61 -18.37 -18.52
CA GLY A 567 -20.96 -19.31 -17.63
C GLY A 567 -19.70 -19.96 -18.15
N ALA A 568 -19.75 -20.57 -19.33
CA ALA A 568 -18.60 -21.23 -19.92
C ALA A 568 -17.47 -20.26 -20.25
N GLU A 569 -17.83 -19.02 -20.61
CA GLU A 569 -16.86 -17.99 -20.90
C GLU A 569 -16.06 -17.67 -19.62
N PHE A 570 -16.72 -17.65 -18.47
CA PHE A 570 -16.04 -17.36 -17.22
C PHE A 570 -15.10 -18.49 -16.78
N THR A 571 -15.61 -19.72 -16.75
CA THR A 571 -14.84 -20.84 -16.25
C THR A 571 -13.86 -21.46 -17.24
N GLU A 572 -14.10 -21.31 -18.54
CA GLU A 572 -13.29 -21.95 -19.57
C GLU A 572 -13.39 -23.47 -19.52
N GLY A 573 -14.43 -24.02 -18.91
CA GLY A 573 -14.61 -25.44 -18.74
C GLY A 573 -13.64 -26.09 -17.77
N LYS A 574 -12.89 -25.33 -16.99
CA LYS A 574 -11.92 -25.85 -16.05
C LYS A 574 -12.41 -25.75 -14.61
N ASP A 575 -11.93 -26.66 -13.76
CA ASP A 575 -12.28 -26.60 -12.34
C ASP A 575 -11.04 -26.15 -11.58
N GLU A 576 -11.11 -26.05 -10.26
CA GLU A 576 -9.97 -25.57 -9.48
C GLU A 576 -8.64 -26.20 -9.85
N MET A 577 -8.53 -27.53 -9.76
CA MET A 577 -7.24 -28.18 -10.03
C MET A 577 -6.84 -28.10 -11.50
N GLY A 578 -7.77 -28.01 -12.42
CA GLY A 578 -7.48 -27.86 -13.84
C GLY A 578 -6.80 -26.52 -14.12
N TRP A 579 -7.32 -25.45 -13.50
CA TRP A 579 -6.71 -24.12 -13.63
C TRP A 579 -5.30 -24.15 -13.05
N ILE A 580 -5.16 -24.65 -11.80
CA ILE A 580 -3.87 -24.71 -11.14
C ILE A 580 -2.84 -25.51 -11.92
N LYS A 581 -3.25 -26.67 -12.44
CA LYS A 581 -2.29 -27.46 -13.24
C LYS A 581 -1.86 -26.73 -14.49
N SER A 582 -2.77 -26.03 -15.17
CA SER A 582 -2.43 -25.28 -16.38
C SER A 582 -1.42 -24.17 -16.12
N PHE A 583 -1.45 -23.52 -14.96
CA PHE A 583 -0.46 -22.49 -14.65
C PHE A 583 0.91 -23.13 -14.39
N TYR A 584 0.91 -24.23 -13.64
CA TYR A 584 2.14 -24.94 -13.31
C TYR A 584 2.79 -25.45 -14.59
N ASP A 585 2.01 -26.11 -15.43
CA ASP A 585 2.49 -26.69 -16.67
C ASP A 585 3.12 -25.65 -17.58
N ASP A 586 2.54 -24.44 -17.63
CA ASP A 586 3.09 -23.35 -18.42
C ASP A 586 4.44 -22.90 -17.86
N ALA A 587 4.54 -22.81 -16.53
CA ALA A 587 5.81 -22.42 -15.93
C ALA A 587 6.87 -23.48 -16.21
N ALA A 588 6.51 -24.76 -16.09
CA ALA A 588 7.44 -25.85 -16.31
C ALA A 588 7.96 -25.86 -17.76
N LYS A 589 7.08 -25.56 -18.70
CA LYS A 589 7.49 -25.49 -20.11
C LYS A 589 8.48 -24.36 -20.31
N GLN A 590 8.25 -23.22 -19.66
CA GLN A 590 9.15 -22.07 -19.72
C GLN A 590 10.47 -22.38 -19.02
N GLY A 591 10.42 -23.09 -17.89
CA GLY A 591 11.62 -23.47 -17.17
C GLY A 591 12.47 -24.41 -18.02
N LYS A 592 11.83 -25.40 -18.64
CA LYS A 592 12.49 -26.36 -19.51
C LYS A 592 13.36 -25.67 -20.54
N ALA A 593 12.79 -24.72 -21.28
CA ALA A 593 13.50 -23.97 -22.30
C ALA A 593 14.71 -23.23 -21.74
N ALA A 594 14.62 -22.70 -20.53
CA ALA A 594 15.71 -21.98 -19.88
C ALA A 594 16.70 -22.88 -19.16
N GLY A 595 16.52 -24.20 -19.16
CA GLY A 595 17.46 -25.10 -18.49
C GLY A 595 17.20 -25.33 -17.01
N VAL A 596 16.03 -24.96 -16.51
CA VAL A 596 15.69 -25.19 -15.11
C VAL A 596 14.76 -26.40 -15.07
N GLN A 597 15.17 -27.49 -14.44
CA GLN A 597 14.33 -28.69 -14.42
C GLN A 597 13.29 -28.61 -13.31
N MET A 598 12.05 -28.95 -13.69
CA MET A 598 10.92 -28.93 -12.76
C MET A 598 10.19 -30.27 -12.85
N PRO A 599 9.73 -30.78 -11.72
CA PRO A 599 9.02 -32.05 -11.66
C PRO A 599 7.68 -32.00 -12.39
N ALA A 600 7.05 -33.13 -12.64
CA ALA A 600 5.71 -33.13 -13.24
C ALA A 600 4.74 -32.59 -12.19
N PHE A 601 3.59 -32.09 -12.57
CA PHE A 601 2.62 -31.54 -11.65
C PHE A 601 2.30 -32.35 -10.41
N ASP A 602 1.94 -33.64 -10.51
CA ASP A 602 1.62 -34.40 -9.32
C ASP A 602 2.84 -34.59 -8.42
N ALA A 603 4.04 -34.68 -8.98
CA ALA A 603 5.24 -34.81 -8.15
C ALA A 603 5.50 -33.49 -7.39
N PHE A 604 5.28 -32.36 -8.08
CA PHE A 604 5.41 -31.05 -7.44
C PHE A 604 4.40 -30.95 -6.29
N TRP A 605 3.14 -31.29 -6.55
CA TRP A 605 2.09 -31.20 -5.54
C TRP A 605 2.40 -32.06 -4.32
N ALA A 606 2.96 -33.27 -4.53
CA ALA A 606 3.33 -34.13 -3.42
C ALA A 606 4.42 -33.50 -2.56
N GLU A 607 5.42 -32.86 -3.17
CA GLU A 607 6.47 -32.19 -2.41
C GLU A 607 5.96 -30.88 -1.80
N GLY A 608 5.07 -30.19 -2.50
CA GLY A 608 4.47 -28.95 -2.00
C GLY A 608 5.22 -27.68 -2.37
N ILE A 609 6.46 -27.81 -2.86
CA ILE A 609 7.28 -26.66 -3.21
C ILE A 609 8.36 -27.03 -4.19
N VAL A 610 8.77 -26.09 -5.05
CA VAL A 610 9.89 -26.27 -5.94
C VAL A 610 10.79 -25.03 -5.72
N GLU A 611 12.09 -25.20 -5.59
CA GLU A 611 12.92 -24.00 -5.41
C GLU A 611 13.87 -23.87 -6.60
N PHE A 612 14.20 -22.64 -6.97
CA PHE A 612 15.07 -22.40 -8.11
C PHE A 612 16.47 -21.93 -7.68
N PRO A 613 17.46 -22.21 -8.52
CA PRO A 613 18.83 -21.86 -8.25
C PRO A 613 19.17 -20.41 -8.59
N VAL A 614 20.09 -19.86 -7.83
CA VAL A 614 20.61 -18.51 -8.03
C VAL A 614 21.87 -18.66 -8.88
N THR A 615 21.95 -17.97 -10.00
CA THR A 615 23.15 -18.06 -10.83
C THR A 615 23.96 -16.78 -10.60
N ASP A 616 23.63 -15.71 -11.31
CA ASP A 616 24.33 -14.44 -11.16
C ASP A 616 23.53 -13.39 -10.41
N GLY A 617 22.37 -13.74 -9.88
CA GLY A 617 21.52 -12.80 -9.17
C GLY A 617 22.15 -12.12 -7.98
N ALA A 618 23.11 -12.73 -7.29
CA ALA A 618 23.74 -12.14 -6.13
C ALA A 618 24.71 -11.02 -6.46
N ASP A 619 25.05 -10.81 -7.72
CA ASP A 619 26.00 -9.78 -8.12
C ASP A 619 25.35 -8.54 -8.72
N PHE A 620 24.03 -8.50 -8.75
CA PHE A 620 23.31 -7.42 -9.40
C PHE A 620 23.56 -6.04 -8.80
N VAL A 621 23.97 -5.10 -9.65
CA VAL A 621 24.20 -3.72 -9.24
C VAL A 621 23.30 -2.83 -10.11
N ARG A 622 22.32 -2.19 -9.52
CA ARG A 622 21.40 -1.34 -10.27
C ARG A 622 22.10 -0.15 -10.92
N TYR A 623 21.81 0.19 -12.18
CA TYR A 623 22.40 1.30 -12.89
C TYR A 623 23.85 1.07 -13.32
N ALA A 624 24.42 -0.10 -13.07
CA ALA A 624 25.80 -0.36 -13.47
C ALA A 624 26.02 -0.23 -14.98
N SER A 625 25.10 -0.72 -15.81
CA SER A 625 25.32 -0.63 -17.27
C SER A 625 25.22 0.81 -17.75
N PHE A 626 24.32 1.60 -17.20
CA PHE A 626 24.21 3.03 -17.51
C PHE A 626 25.50 3.76 -17.16
N ARG A 627 26.01 3.51 -15.95
CA ARG A 627 27.26 4.12 -15.53
C ARG A 627 28.43 3.71 -16.42
N GLU A 628 28.52 2.43 -16.77
CA GLU A 628 29.61 1.94 -17.60
C GLU A 628 29.63 2.58 -18.99
N ASP A 629 28.48 2.70 -19.63
CA ASP A 629 28.42 3.28 -20.97
C ASP A 629 27.02 3.85 -21.22
N PRO A 630 26.84 5.13 -20.91
CA PRO A 630 25.57 5.79 -21.05
C PRO A 630 25.08 5.96 -22.48
N LEU A 631 25.96 5.96 -23.47
CA LEU A 631 25.56 6.10 -24.87
C LEU A 631 24.98 4.80 -25.40
N LEU A 632 25.58 3.69 -24.99
CA LEU A 632 25.11 2.38 -25.40
C LEU A 632 23.93 1.91 -24.55
N ASN A 633 23.89 2.32 -23.29
CA ASN A 633 22.84 1.95 -22.35
C ASN A 633 22.13 3.14 -21.71
N PRO A 634 21.42 3.95 -22.48
CA PRO A 634 20.74 5.13 -21.96
C PRO A 634 19.49 4.82 -21.17
N LEU A 635 19.08 5.79 -20.35
CA LEU A 635 17.82 5.64 -19.60
C LEU A 635 16.66 5.91 -20.54
N GLY A 636 15.47 5.48 -20.18
CA GLY A 636 14.29 5.73 -20.99
C GLY A 636 13.66 7.10 -20.81
N THR A 637 14.43 8.17 -20.72
CA THR A 637 13.95 9.54 -20.63
C THR A 637 14.16 10.20 -21.99
N PRO A 638 13.59 11.37 -22.22
CA PRO A 638 13.75 12.05 -23.49
C PRO A 638 15.19 12.28 -23.87
N THR A 639 16.04 12.66 -22.91
CA THR A 639 17.46 12.90 -23.16
C THR A 639 18.30 11.64 -23.03
N GLY A 640 17.78 10.60 -22.39
CA GLY A 640 18.58 9.39 -22.14
C GLY A 640 19.39 9.51 -20.85
N LEU A 641 19.24 10.61 -20.13
CA LEU A 641 19.99 10.90 -18.91
C LEU A 641 19.04 11.15 -17.74
N ILE A 642 19.63 11.32 -16.54
CA ILE A 642 18.79 11.61 -15.37
C ILE A 642 18.30 13.05 -15.49
N GLU A 643 16.99 13.26 -15.52
CA GLU A 643 16.47 14.61 -15.70
C GLU A 643 16.16 15.35 -14.42
N ILE A 644 17.08 16.25 -14.08
CA ILE A 644 16.91 17.10 -12.89
C ILE A 644 15.93 18.22 -13.19
N TYR A 645 15.94 18.67 -14.45
CA TYR A 645 14.96 19.63 -14.95
C TYR A 645 14.23 18.89 -16.07
N SER A 646 12.91 18.89 -16.06
CA SER A 646 12.20 18.14 -17.11
C SER A 646 11.47 19.11 -18.02
N LYS A 647 11.85 19.14 -19.30
CA LYS A 647 11.15 20.02 -20.25
C LYS A 647 9.72 19.57 -20.47
N ASN A 648 9.50 18.25 -20.41
CA ASN A 648 8.17 17.66 -20.56
C ASN A 648 7.23 18.15 -19.48
N ILE A 649 7.71 18.15 -18.23
CA ILE A 649 6.88 18.63 -17.12
C ILE A 649 6.67 20.13 -17.17
N GLU A 650 7.68 20.87 -17.62
CA GLU A 650 7.54 22.33 -17.79
C GLU A 650 6.37 22.66 -18.72
N LYS A 651 6.22 21.90 -19.79
CA LYS A 651 5.15 22.10 -20.77
C LYS A 651 3.76 21.82 -20.24
N MET A 652 3.63 21.02 -19.18
CA MET A 652 2.34 20.78 -18.59
C MET A 652 1.82 22.01 -17.85
N GLY A 653 2.70 22.85 -17.33
CA GLY A 653 2.31 24.06 -16.66
C GLY A 653 1.48 23.86 -15.39
N TYR A 654 1.85 22.86 -14.58
CA TYR A 654 1.11 22.64 -13.33
C TYR A 654 1.73 23.46 -12.22
N ASP A 655 0.95 24.30 -11.54
CA ASP A 655 1.50 25.10 -10.45
C ASP A 655 1.99 24.26 -9.28
N ASP A 656 1.39 23.10 -9.03
CA ASP A 656 1.78 22.26 -7.90
C ASP A 656 2.76 21.15 -8.24
N CYS A 657 3.34 21.17 -9.44
CA CYS A 657 4.39 20.25 -9.81
C CYS A 657 5.30 20.93 -10.86
N PRO A 658 6.22 21.75 -10.36
CA PRO A 658 7.16 22.47 -11.18
C PRO A 658 8.12 21.56 -11.93
N ALA A 659 8.94 22.16 -12.80
CA ALA A 659 9.83 21.41 -13.67
C ALA A 659 11.16 20.95 -13.12
N HIS A 660 11.43 21.22 -11.85
CA HIS A 660 12.59 20.74 -11.13
C HIS A 660 12.13 20.59 -9.67
N PRO A 661 12.84 19.79 -8.89
CA PRO A 661 12.49 19.61 -7.48
C PRO A 661 12.38 20.97 -6.81
N THR A 662 11.28 21.20 -6.08
CA THR A 662 10.99 22.48 -5.46
C THR A 662 10.35 22.32 -4.09
N TRP A 663 10.72 23.16 -3.13
CA TRP A 663 10.09 23.21 -1.83
C TRP A 663 8.83 24.05 -1.96
N MET A 664 7.69 23.49 -1.60
CA MET A 664 6.42 24.20 -1.63
C MET A 664 5.70 24.00 -0.30
N GLU A 665 4.93 24.97 0.19
CA GLU A 665 4.21 24.73 1.45
C GLU A 665 3.04 23.77 1.21
N PRO A 666 2.91 22.78 2.07
CA PRO A 666 1.81 21.83 1.96
C PRO A 666 0.56 22.42 2.59
N LEU A 667 -0.57 21.77 2.37
CA LEU A 667 -1.85 22.18 2.93
C LEU A 667 -1.75 22.49 4.42
N GLU A 668 -1.10 21.59 5.18
CA GLU A 668 -0.90 21.80 6.61
C GLU A 668 0.37 21.07 7.04
N ARG A 669 1.17 21.66 7.92
CA ARG A 669 2.36 20.95 8.40
C ARG A 669 2.67 21.44 9.83
N LEU A 670 3.39 20.60 10.55
CA LEU A 670 3.75 20.88 11.94
C LEU A 670 4.55 22.17 12.01
N ASP A 671 4.12 23.12 12.82
CA ASP A 671 4.77 24.42 12.96
C ASP A 671 4.80 25.23 11.66
N GLY A 672 3.83 24.99 10.78
CA GLY A 672 3.79 25.77 9.53
C GLY A 672 3.13 27.10 9.86
N PRO A 673 3.40 28.10 9.03
CA PRO A 673 2.83 29.43 9.22
C PRO A 673 1.31 29.35 9.20
N GLY A 674 0.72 29.84 10.28
CA GLY A 674 -0.73 29.84 10.42
C GLY A 674 -1.38 28.49 10.58
N ALA A 675 -0.64 27.45 10.97
CA ALA A 675 -1.21 26.11 11.15
C ALA A 675 -2.20 26.10 12.30
N LYS A 676 -3.36 25.50 12.13
CA LYS A 676 -4.38 25.50 13.18
C LYS A 676 -4.17 24.46 14.27
N TYR A 677 -3.73 23.26 13.90
CA TYR A 677 -3.59 22.18 14.89
C TYR A 677 -2.14 21.94 15.21
N PRO A 678 -1.84 21.53 16.45
CA PRO A 678 -0.45 21.43 16.89
C PRO A 678 0.35 20.18 16.71
N LEU A 679 -0.25 19.04 16.42
CA LEU A 679 0.49 17.78 16.35
C LEU A 679 0.33 17.08 15.00
N HIS A 680 1.44 16.59 14.49
CA HIS A 680 1.39 15.83 13.23
C HIS A 680 1.09 14.36 13.55
N ILE A 681 0.21 13.71 12.80
CA ILE A 681 -0.04 12.29 13.08
C ILE A 681 0.75 11.43 12.10
N ALA A 682 1.73 10.68 12.58
CA ALA A 682 2.47 9.77 11.70
C ALA A 682 1.52 8.62 11.43
N ALA A 683 0.70 8.71 10.39
CA ALA A 683 -0.33 7.71 10.08
C ALA A 683 0.24 6.61 9.22
N SER A 684 1.18 5.87 9.79
CA SER A 684 1.99 4.91 9.05
C SER A 684 1.52 3.49 9.14
N HIS A 685 2.28 2.56 8.56
CA HIS A 685 1.82 1.16 8.50
C HIS A 685 1.97 0.44 9.82
N PRO A 686 0.95 -0.34 10.16
CA PRO A 686 0.89 -1.04 11.44
C PRO A 686 1.94 -2.11 11.61
N PHE A 687 2.49 -2.25 12.82
CA PHE A 687 3.47 -3.30 13.06
C PHE A 687 2.81 -4.68 13.11
N ASN A 688 1.68 -4.76 13.83
CA ASN A 688 0.97 -6.00 14.06
C ASN A 688 -0.34 -6.23 13.33
N ARG A 689 -0.46 -5.61 12.16
CA ARG A 689 -1.55 -5.88 11.23
C ARG A 689 -0.92 -5.76 9.82
N LEU A 690 -1.61 -6.22 8.81
CA LEU A 690 -1.28 -5.89 7.42
C LEU A 690 -2.45 -4.94 7.10
N HIS A 691 -2.27 -3.62 7.17
CA HIS A 691 -3.37 -2.67 7.03
C HIS A 691 -4.46 -2.94 8.05
N SER A 692 -5.69 -3.26 7.62
CA SER A 692 -6.78 -3.58 8.51
C SER A 692 -6.82 -5.08 8.84
N GLN A 693 -6.09 -5.88 8.06
CA GLN A 693 -6.18 -7.32 8.23
C GLN A 693 -5.68 -7.72 9.61
N LEU A 694 -6.41 -8.62 10.26
CA LEU A 694 -6.12 -9.14 11.58
C LEU A 694 -6.53 -8.22 12.72
N ASN A 695 -7.21 -7.09 12.47
CA ASN A 695 -7.65 -6.25 13.60
C ASN A 695 -8.67 -7.03 14.43
N GLY A 696 -9.51 -7.84 13.78
CA GLY A 696 -10.55 -8.59 14.48
C GLY A 696 -10.12 -9.99 14.88
N THR A 697 -8.98 -10.09 15.55
CA THR A 697 -8.40 -11.34 16.01
C THR A 697 -7.79 -11.16 17.41
N VAL A 698 -7.28 -12.25 17.96
CA VAL A 698 -6.64 -12.24 19.27
C VAL A 698 -5.42 -11.34 19.37
N LEU A 699 -4.77 -11.00 18.27
CA LEU A 699 -3.62 -10.12 18.29
C LEU A 699 -3.95 -8.73 18.84
N ARG A 700 -5.20 -8.29 18.69
CA ARG A 700 -5.60 -6.97 19.15
C ARG A 700 -5.38 -6.78 20.65
N GLU A 701 -5.51 -7.86 21.42
CA GLU A 701 -5.28 -7.82 22.85
C GLU A 701 -3.88 -7.35 23.22
N GLY A 702 -2.89 -7.63 22.38
CA GLY A 702 -1.52 -7.26 22.60
C GLY A 702 -1.20 -5.80 22.43
N TYR A 703 -2.04 -5.02 21.74
CA TYR A 703 -1.71 -3.62 21.53
C TYR A 703 -2.86 -2.65 21.83
N ALA A 704 -4.09 -3.11 21.96
CA ALA A 704 -5.17 -2.16 22.23
C ALA A 704 -4.98 -1.54 23.63
N VAL A 705 -5.45 -0.31 23.77
CA VAL A 705 -5.35 0.43 25.03
C VAL A 705 -6.77 0.80 25.44
N GLN A 706 -7.26 0.14 26.50
CA GLN A 706 -8.65 0.22 26.92
C GLN A 706 -9.56 -0.14 25.73
N GLY A 707 -9.17 -1.11 24.90
CA GLY A 707 -9.93 -1.53 23.75
C GLY A 707 -9.78 -0.70 22.50
N HIS A 708 -9.10 0.44 22.54
CA HIS A 708 -8.96 1.30 21.37
C HIS A 708 -7.61 1.16 20.68
N GLU A 709 -7.52 1.69 19.45
CA GLU A 709 -6.22 1.66 18.75
C GLU A 709 -5.25 2.52 19.56
N PRO A 710 -3.99 2.12 19.68
CA PRO A 710 -3.00 2.86 20.43
C PRO A 710 -2.57 4.13 19.72
N CYS A 711 -2.23 5.12 20.53
CA CYS A 711 -1.72 6.41 20.11
C CYS A 711 -0.42 6.67 20.88
N LEU A 712 0.73 6.73 20.22
CA LEU A 712 1.98 6.97 20.92
C LEU A 712 2.18 8.48 21.07
N MET A 713 2.48 8.94 22.28
CA MET A 713 2.63 10.38 22.50
C MET A 713 3.86 10.66 23.37
N HIS A 714 4.59 11.70 23.02
CA HIS A 714 5.78 12.10 23.78
C HIS A 714 5.36 12.56 25.17
N PRO A 715 6.17 12.29 26.19
CA PRO A 715 5.87 12.71 27.55
C PRO A 715 5.52 14.18 27.72
N ASP A 716 6.25 15.09 27.07
CA ASP A 716 5.99 16.52 27.21
C ASP A 716 4.66 16.94 26.61
N ASP A 717 4.29 16.31 25.49
CA ASP A 717 3.01 16.63 24.86
C ASP A 717 1.90 16.06 25.73
N ALA A 718 2.13 14.89 26.34
CA ALA A 718 1.11 14.34 27.22
C ALA A 718 0.98 15.20 28.48
N ALA A 719 2.11 15.57 29.07
CA ALA A 719 2.07 16.38 30.29
C ALA A 719 1.35 17.71 30.09
N ALA A 720 1.54 18.40 28.97
CA ALA A 720 0.88 19.67 28.70
C ALA A 720 -0.64 19.59 28.64
N ARG A 721 -1.18 18.41 28.36
CA ARG A 721 -2.61 18.17 28.26
C ARG A 721 -3.19 17.45 29.46
N GLY A 722 -2.34 17.14 30.44
CA GLY A 722 -2.81 16.41 31.63
C GLY A 722 -3.22 14.98 31.27
N ILE A 723 -2.49 14.38 30.34
CA ILE A 723 -2.77 13.03 29.87
C ILE A 723 -1.77 12.06 30.48
N ALA A 724 -2.27 10.94 30.99
CA ALA A 724 -1.40 9.93 31.58
C ALA A 724 -1.40 8.66 30.73
N ASP A 725 -0.34 7.87 30.85
CA ASP A 725 -0.25 6.61 30.10
C ASP A 725 -1.48 5.75 30.32
N GLY A 726 -2.11 5.28 29.24
CA GLY A 726 -3.29 4.45 29.39
C GLY A 726 -4.63 5.17 29.29
N ASP A 727 -4.64 6.50 29.28
CA ASP A 727 -5.87 7.26 29.18
C ASP A 727 -6.53 7.11 27.80
N VAL A 728 -7.85 7.25 27.78
CA VAL A 728 -8.58 7.26 26.49
C VAL A 728 -8.57 8.73 26.07
N VAL A 729 -8.21 9.04 24.83
CA VAL A 729 -8.14 10.42 24.39
C VAL A 729 -8.98 10.63 23.12
N ARG A 730 -9.44 11.86 22.93
CA ARG A 730 -10.16 12.20 21.70
C ARG A 730 -9.17 12.96 20.79
N VAL A 731 -8.95 12.43 19.60
CA VAL A 731 -8.03 13.06 18.64
C VAL A 731 -8.89 13.73 17.58
N HIS A 732 -8.77 15.05 17.35
CA HIS A 732 -9.70 15.70 16.43
C HIS A 732 -9.13 16.86 15.65
N ASN A 733 -9.76 17.16 14.53
CA ASN A 733 -9.37 18.32 13.71
C ASN A 733 -10.62 18.83 13.02
N ASP A 734 -10.54 19.63 11.95
CA ASP A 734 -11.77 20.11 11.33
C ASP A 734 -12.52 19.06 10.53
N ARG A 735 -11.86 17.96 10.16
CA ARG A 735 -12.49 16.92 9.35
C ARG A 735 -13.13 15.80 10.16
N GLY A 736 -12.66 15.52 11.38
CA GLY A 736 -13.30 14.44 12.14
C GLY A 736 -12.79 14.33 13.57
N GLN A 737 -13.24 13.29 14.26
CA GLN A 737 -12.86 13.05 15.65
C GLN A 737 -12.92 11.55 15.91
N ILE A 738 -11.88 11.04 16.57
CA ILE A 738 -11.78 9.62 16.89
C ILE A 738 -11.31 9.43 18.33
N LEU A 739 -11.55 8.26 18.90
CA LEU A 739 -11.01 7.89 20.21
C LEU A 739 -9.83 6.94 20.03
N THR A 740 -8.76 7.12 20.77
CA THR A 740 -7.62 6.20 20.75
C THR A 740 -7.20 6.03 22.22
N GLY A 741 -6.32 5.09 22.50
CA GLY A 741 -5.83 4.89 23.88
C GLY A 741 -4.34 5.26 23.87
N VAL A 742 -3.88 6.09 24.81
CA VAL A 742 -2.51 6.56 24.77
C VAL A 742 -1.46 5.71 25.46
N LYS A 743 -0.31 5.63 24.83
CA LYS A 743 0.92 5.03 25.32
C LYS A 743 1.95 6.18 25.31
N VAL A 744 2.42 6.57 26.48
CA VAL A 744 3.40 7.65 26.59
C VAL A 744 4.80 7.10 26.39
N THR A 745 5.53 7.67 25.43
CA THR A 745 6.85 7.22 25.08
C THR A 745 7.68 8.33 24.43
N ASP A 746 8.99 8.36 24.66
CA ASP A 746 9.82 9.31 23.92
C ASP A 746 10.32 8.73 22.60
N ALA A 747 9.73 7.61 22.16
CA ALA A 747 10.03 7.02 20.87
C ALA A 747 9.52 7.94 19.75
N VAL A 748 8.44 8.69 19.98
CA VAL A 748 7.99 9.65 18.98
C VAL A 748 8.60 11.00 19.36
N MET A 749 9.02 11.77 18.36
CA MET A 749 9.59 13.09 18.64
C MET A 749 8.50 14.03 19.12
N LYS A 750 8.89 15.05 19.89
CA LYS A 750 7.92 16.02 20.37
C LYS A 750 7.21 16.70 19.19
N GLY A 751 5.89 16.83 19.28
CA GLY A 751 5.08 17.43 18.23
C GLY A 751 4.47 16.39 17.28
N VAL A 752 4.82 15.12 17.45
CA VAL A 752 4.33 14.06 16.58
C VAL A 752 3.64 12.97 17.39
N ILE A 753 2.49 12.48 16.95
CA ILE A 753 1.85 11.33 17.61
C ILE A 753 1.81 10.20 16.57
N GLN A 754 1.85 8.95 16.99
CA GLN A 754 1.77 7.86 16.02
C GLN A 754 0.46 7.10 16.19
N ILE A 755 -0.37 7.11 15.14
CA ILE A 755 -1.60 6.32 15.13
C ILE A 755 -1.56 5.58 13.77
N TYR A 756 -1.29 4.29 13.78
CA TYR A 756 -1.18 3.56 12.51
C TYR A 756 -2.47 3.53 11.72
N GLU A 757 -2.33 3.39 10.39
CA GLU A 757 -3.50 3.19 9.55
C GLU A 757 -4.00 1.75 9.77
N GLY A 758 -5.24 1.49 9.40
CA GLY A 758 -5.81 0.15 9.45
C GLY A 758 -6.83 -0.13 10.53
N GLY A 759 -7.05 0.81 11.46
CA GLY A 759 -8.03 0.54 12.53
C GLY A 759 -9.45 0.47 12.00
N TRP A 760 -10.25 -0.49 12.52
CA TRP A 760 -11.62 -0.64 12.04
C TRP A 760 -12.54 0.44 12.55
N TYR A 761 -12.86 1.39 11.68
CA TYR A 761 -13.80 2.48 11.94
C TYR A 761 -15.06 1.97 12.63
N ASP A 762 -15.44 2.55 13.76
CA ASP A 762 -16.63 2.10 14.49
C ASP A 762 -17.46 3.32 14.90
N PRO A 763 -18.24 3.84 13.97
CA PRO A 763 -19.01 5.05 14.18
C PRO A 763 -20.08 4.94 15.25
N SER A 764 -20.21 5.96 16.11
CA SER A 764 -21.22 5.93 17.15
C SER A 764 -22.62 5.89 16.54
N ASP A 765 -22.87 6.72 15.54
CA ASP A 765 -24.18 6.79 14.88
C ASP A 765 -23.97 7.11 13.41
N VAL A 766 -24.26 6.15 12.51
CA VAL A 766 -24.04 6.40 11.10
C VAL A 766 -24.85 7.55 10.54
N THR A 767 -25.99 7.91 11.14
CA THR A 767 -26.80 8.99 10.58
C THR A 767 -26.40 10.36 11.09
N GLU A 768 -25.47 10.43 12.01
CA GLU A 768 -24.97 11.68 12.58
C GLU A 768 -23.74 12.16 11.83
N PRO A 769 -23.83 13.30 11.15
CA PRO A 769 -22.71 13.86 10.42
C PRO A 769 -21.55 14.14 11.36
N GLY A 770 -20.36 13.65 11.02
CA GLY A 770 -19.18 13.84 11.85
C GLY A 770 -19.18 13.00 13.11
N THR A 771 -19.98 11.94 13.16
CA THR A 771 -20.04 11.10 14.36
C THR A 771 -18.68 10.65 14.85
N LEU A 772 -18.52 10.51 16.17
CA LEU A 772 -17.29 10.06 16.78
C LEU A 772 -16.99 8.60 16.43
N ASP A 773 -15.77 8.32 15.99
CA ASP A 773 -15.33 6.95 15.74
C ASP A 773 -14.86 6.39 17.08
N LYS A 774 -15.46 5.31 17.56
CA LYS A 774 -15.10 4.79 18.87
C LYS A 774 -13.83 3.97 18.94
N TYR A 775 -13.33 3.50 17.79
CA TYR A 775 -12.18 2.60 17.84
C TYR A 775 -10.84 3.27 17.56
N GLY A 776 -10.74 3.99 16.43
CA GLY A 776 -9.51 4.66 16.07
C GLY A 776 -9.04 4.44 14.64
N ASP A 777 -9.84 4.80 13.65
CA ASP A 777 -9.45 4.74 12.24
C ASP A 777 -8.81 6.09 11.94
N VAL A 778 -7.51 6.15 11.70
CA VAL A 778 -6.83 7.42 11.49
C VAL A 778 -7.28 8.16 10.23
N ASN A 779 -7.90 7.47 9.27
CA ASN A 779 -8.40 8.14 8.06
C ASN A 779 -9.68 8.92 8.28
N VAL A 780 -10.20 9.00 9.51
CA VAL A 780 -11.29 9.91 9.86
C VAL A 780 -10.73 11.34 9.91
N LEU A 781 -9.42 11.43 10.10
CA LEU A 781 -8.73 12.71 10.22
C LEU A 781 -7.95 13.19 9.02
N SER A 782 -7.69 12.33 8.03
CA SER A 782 -6.87 12.78 6.90
C SER A 782 -7.70 13.56 5.90
N ALA A 783 -7.07 14.31 5.01
CA ALA A 783 -7.72 15.05 3.95
C ALA A 783 -7.66 14.23 2.67
N ASP A 784 -8.66 14.38 1.81
CA ASP A 784 -8.73 13.65 0.54
C ASP A 784 -8.39 14.57 -0.61
N ILE A 785 -7.09 14.79 -0.88
CA ILE A 785 -6.66 15.69 -1.95
C ILE A 785 -5.55 15.02 -2.74
N GLY A 786 -5.31 15.44 -3.99
CA GLY A 786 -4.23 14.85 -4.76
C GLY A 786 -2.88 15.44 -4.37
N THR A 787 -1.83 14.65 -4.56
CA THR A 787 -0.47 15.13 -4.27
C THR A 787 -0.15 16.35 -5.14
N SER A 788 -0.57 16.30 -6.38
CA SER A 788 -0.44 17.40 -7.34
C SER A 788 -1.24 17.03 -8.60
N LYS A 789 -1.29 17.92 -9.58
CA LYS A 789 -1.97 17.56 -10.83
C LYS A 789 -1.20 16.52 -11.63
N LEU A 790 0.09 16.30 -11.34
CA LEU A 790 0.85 15.31 -12.09
C LEU A 790 0.40 13.88 -11.79
N ALA A 791 0.42 13.46 -10.54
CA ALA A 791 0.11 12.07 -10.20
C ALA A 791 -1.24 11.87 -9.54
N GLN A 792 -1.83 12.90 -8.91
CA GLN A 792 -3.09 12.72 -8.20
C GLN A 792 -3.01 11.60 -7.16
N GLY A 793 -1.88 11.49 -6.47
CA GLY A 793 -1.69 10.43 -5.47
C GLY A 793 -2.38 10.81 -4.17
N ASN A 794 -2.50 9.86 -3.23
CA ASN A 794 -3.15 10.22 -1.96
C ASN A 794 -2.15 10.91 -1.03
N CYS A 795 -2.69 11.68 -0.10
CA CYS A 795 -1.89 12.42 0.88
C CYS A 795 -2.26 11.92 2.27
N GLY A 796 -2.30 10.61 2.44
CA GLY A 796 -2.66 9.96 3.69
C GLY A 796 -1.80 10.29 4.90
N GLN A 797 -0.62 10.88 4.77
CA GLN A 797 0.22 11.23 5.91
C GLN A 797 0.42 12.73 6.04
N THR A 798 -0.42 13.54 5.40
CA THR A 798 -0.42 15.00 5.57
C THR A 798 -1.55 15.30 6.57
N VAL A 799 -1.32 15.12 7.87
CA VAL A 799 -2.39 15.21 8.85
C VAL A 799 -1.98 15.89 10.16
N LEU A 800 -2.66 16.94 10.56
CA LEU A 800 -2.43 17.60 11.83
C LEU A 800 -3.71 17.49 12.68
N ALA A 801 -3.54 17.43 13.99
CA ALA A 801 -4.71 17.34 14.86
C ALA A 801 -4.39 17.80 16.28
N GLU A 802 -5.41 17.85 17.11
CA GLU A 802 -5.25 18.17 18.53
C GLU A 802 -5.68 16.94 19.33
N VAL A 803 -5.19 16.77 20.54
CA VAL A 803 -5.52 15.65 21.40
C VAL A 803 -5.96 16.19 22.78
N GLU A 804 -7.01 15.62 23.33
CA GLU A 804 -7.48 15.98 24.67
C GLU A 804 -7.91 14.71 25.37
N LYS A 805 -7.80 14.69 26.70
CA LYS A 805 -8.26 13.52 27.45
C LYS A 805 -9.76 13.38 27.24
N TYR A 806 -10.24 12.17 26.98
CA TYR A 806 -11.66 11.96 26.74
C TYR A 806 -12.42 11.82 28.06
N THR A 807 -13.37 12.72 28.27
CA THR A 807 -14.14 12.75 29.51
C THR A 807 -15.63 12.58 29.25
N GLY A 808 -16.02 12.36 28.00
CA GLY A 808 -17.40 12.19 27.62
C GLY A 808 -18.03 10.91 28.15
N PRO A 809 -19.26 10.64 27.72
CA PRO A 809 -19.99 9.45 28.13
C PRO A 809 -19.24 8.19 27.75
N ALA A 810 -19.35 7.15 28.58
CA ALA A 810 -18.68 5.89 28.26
C ALA A 810 -19.22 5.41 26.91
N VAL A 811 -18.37 4.70 26.18
CA VAL A 811 -18.73 4.24 24.83
C VAL A 811 -18.59 2.73 24.76
N THR A 812 -19.43 2.06 23.97
CA THR A 812 -19.36 0.61 23.84
C THR A 812 -18.78 0.27 22.48
N LEU A 813 -17.75 -0.58 22.42
CA LEU A 813 -17.19 -0.90 21.09
C LEU A 813 -18.05 -1.96 20.43
N THR A 814 -18.41 -1.79 19.17
CA THR A 814 -19.26 -2.77 18.49
C THR A 814 -18.64 -3.32 17.21
N GLY A 815 -17.42 -2.91 16.87
CA GLY A 815 -16.80 -3.34 15.62
C GLY A 815 -16.18 -4.72 15.64
N PHE A 816 -16.00 -5.33 16.81
CA PHE A 816 -15.32 -6.63 16.87
C PHE A 816 -16.25 -7.78 17.18
N VAL A 817 -17.55 -7.60 17.05
CA VAL A 817 -18.56 -8.64 17.14
C VAL A 817 -19.44 -8.48 15.90
N ALA A 818 -19.94 -9.58 15.35
CA ALA A 818 -20.78 -9.44 14.15
C ALA A 818 -22.07 -8.68 14.46
N PRO A 819 -22.66 -8.10 13.43
CA PRO A 819 -23.99 -7.50 13.54
C PRO A 819 -24.92 -8.56 14.12
N LYS A 820 -25.82 -8.19 15.01
CA LYS A 820 -26.74 -9.12 15.66
C LYS A 820 -27.44 -10.10 14.73
N ALA A 821 -27.99 -9.62 13.62
CA ALA A 821 -28.68 -10.44 12.66
C ALA A 821 -27.79 -11.42 11.90
N ALA A 822 -26.48 -11.25 11.94
CA ALA A 822 -25.53 -12.10 11.24
C ALA A 822 -24.94 -13.24 12.08
N GLU A 823 -25.40 -13.39 13.31
CA GLU A 823 -24.90 -14.47 14.18
C GLU A 823 -25.53 -15.80 13.79
PB PGD B . -6.53 -4.57 3.66
O1B PGD B . -6.79 -4.33 5.34
O2B PGD B . -5.21 -5.53 3.26
O3B PGD B . -6.28 -3.04 3.14
O3A PGD B . -5.70 -0.83 1.95
PA PGD B . -6.37 -2.39 1.64
O1A PGD B . -5.53 -3.36 0.58
O2A PGD B . -8.05 -2.20 1.34
O5' PGD B . -8.04 -5.04 2.93
C5' PGD B . -7.94 -6.30 2.32
C4' PGD B . -9.29 -6.99 2.58
O4' PGD B . -9.37 -8.10 1.70
C3' PGD B . -9.39 -7.49 4.00
O3' PGD B . -10.57 -7.05 4.65
C2' PGD B . -9.34 -8.99 3.83
O2' PGD B . -10.08 -9.69 4.78
C1' PGD B . -9.98 -9.15 2.46
N9 PGD B . -9.64 -10.38 1.77
C8 PGD B . -8.48 -11.10 1.85
N7 PGD B . -8.48 -12.20 1.03
C5 PGD B . -9.69 -12.14 0.44
C6 PGD B . -10.26 -13.02 -0.47
O6 PGD B . -9.69 -14.00 -0.91
N1 PGD B . -11.53 -12.74 -0.91
C2 PGD B . -12.20 -11.62 -0.44
N2 PGD B . -13.49 -11.38 -0.93
N3 PGD B . -11.65 -10.76 0.47
C4 PGD B . -10.38 -11.06 0.89
C10 PGD B . -4.31 -0.85 1.92
C11 PGD B . -3.96 0.60 1.53
O11 PGD B . -4.12 1.42 2.66
C12 PGD B . -2.52 0.66 1.03
S12 PGD B . -1.84 -0.65 0.00
C13 PGD B . -1.73 1.71 1.32
S13 PGD B . -0.02 1.74 0.84
C14 PGD B . -2.27 2.89 2.07
N15 PGD B . -1.53 3.05 3.34
C16 PGD B . -2.00 4.17 4.11
C17 PGD B . -1.19 5.00 4.88
O17 PGD B . 0.03 4.85 4.97
N18 PGD B . -1.75 6.02 5.57
C19 PGD B . -3.08 6.28 5.50
N19 PGD B . -3.65 7.35 6.23
N20 PGD B . -3.90 5.50 4.75
C21 PGD B . -3.38 4.44 4.05
N22 PGD B . -4.27 3.67 3.26
C23 PGD B . -3.79 2.73 2.25
PB PGD C . 5.36 3.67 6.47
O1B PGD C . 5.12 2.65 7.82
O2B PGD C . 3.96 4.46 5.92
O3B PGD C . 5.91 2.66 5.33
O3A PGD C . 6.12 1.10 3.26
PA PGD C . 6.33 2.76 3.76
O1A PGD C . 7.97 3.17 3.64
O2A PGD C . 5.24 3.79 3.00
O5' PGD C . 6.62 4.82 6.71
C5' PGD C . 7.87 4.29 6.98
C4' PGD C . 8.49 5.27 7.99
O4' PGD C . 8.36 6.59 7.49
C3' PGD C . 7.78 5.22 9.34
O3' PGD C . 8.64 4.68 10.30
C2' PGD C . 7.40 6.66 9.60
O2' PGD C . 7.62 7.05 10.94
C1' PGD C . 8.35 7.39 8.68
N9 PGD C . 7.89 8.72 8.31
C8 PGD C . 6.61 9.20 8.28
N7 PGD C . 6.53 10.49 7.86
C5 PGD C . 7.82 10.82 7.62
C6 PGD C . 8.38 12.01 7.17
O6 PGD C . 7.78 13.04 6.90
N1 PGD C . 9.73 12.03 7.01
C2 PGD C . 10.52 10.95 7.31
N2 PGD C . 11.92 11.06 7.13
N3 PGD C . 9.98 9.76 7.75
C4 PGD C . 8.61 9.76 7.89
C10 PGD C . 4.77 0.84 3.16
C11 PGD C . 4.70 -0.64 2.66
O11 PGD C . 4.78 -1.44 3.82
C12 PGD C . 3.41 -0.83 1.91
S12 PGD C . 2.96 0.16 0.44
C13 PGD C . 2.62 -1.91 2.13
S13 PGD C . 1.12 -2.08 1.18
C14 PGD C . 2.90 -2.87 3.23
N15 PGD C . 2.10 -2.56 4.43
C16 PGD C . 2.52 -3.16 5.67
C17 PGD C . 1.69 -3.27 6.79
O17 PGD C . 0.54 -2.83 6.79
N18 PGD C . 2.17 -3.86 7.92
C19 PGD C . 3.43 -4.35 7.99
N19 PGD C . 3.92 -4.96 9.17
N20 PGD C . 4.25 -4.26 6.91
C21 PGD C . 3.80 -3.66 5.76
N22 PGD C . 4.72 -3.61 4.67
C23 PGD C . 4.43 -2.76 3.53
MO 6MO D . 0.61 -0.32 -0.39
O O E . -0.62 0.12 -1.23
O O F . 0.12 -1.63 -1.55
#